data_5FON
#
_entry.id   5FON
#
_cell.length_a   107.708
_cell.length_b   107.708
_cell.length_c   311.199
_cell.angle_alpha   90.00
_cell.angle_beta   90.00
_cell.angle_gamma   90.00
#
_symmetry.space_group_name_H-M   'P 41 21 2'
#
loop_
_entity.id
_entity.type
_entity.pdbx_description
1 polymer 'LEUCYL-TRNA SYNTHETASE'
2 polymer 'LEUCYL-TRNA SYNTHETASE'
3 water water
#
loop_
_entity_poly.entity_id
_entity_poly.type
_entity_poly.pdbx_seq_one_letter_code
_entity_poly.pdbx_strand_id
1 'polypeptide(L)'
;GAMGPQEYTLIKLKIHLIPEFLGSIVKGREVFVVCATLRPETMYGQTNCWILPDGEYDLVLAFDQVIPYDAKTSDGVLCK
IFDKYEDTMKECNTVYICSERSAYNMAYQGIVPLIHGREQGVSDKLLPRIVSLGKVYGEQLIGTPLSAPMTPYSLIFILP
MFSISMEKGTGIVTSVPSDSPDDYAALRDIKTKPLLREKYSIKDEWILDPLEIIEVPGFGFMTAELLCNQYKIQSQNDSA
KLKQAKEEIYKKEFYEGILIRGKYSGMKICDAKELIRESLIKDGYALIYLE
;
A,C,D
2 'polypeptide(L)'
;GAMGPQEYTLIKLKIHLIPEFLGSIVKGREVFVVCATLRPETMYGQTNCWILPDGEYDLVLAFDQVIPYDAKTSEGVLCK
IFDKYEDTMKECNTVYICSERSAYNMAYQGIVPLIHGREQGVSDKLLPRIVSLGKVYGEQLIGTPLSAPMTPYSLIFILP
MFSISMEKGTGIVTSVPSDSPDDYAALRDIKTKPLLREKYSIKDEWILDPLEIIEVPGFGFMTAELLCNQYKIQSQNDSA
KLKQAKEEIYKKEFYEGILIRGKYSGMKICDAKELIRESLIKDGYALIYLE
;
B
#
# COMPACT_ATOMS: atom_id res chain seq x y z
N PRO A 5 -32.43 -5.80 -31.44
CA PRO A 5 -32.15 -4.36 -31.25
C PRO A 5 -31.48 -4.09 -29.90
N GLN A 6 -30.20 -4.44 -29.80
CA GLN A 6 -29.54 -4.75 -28.51
C GLN A 6 -28.51 -3.79 -27.89
N GLU A 7 -28.37 -3.89 -26.57
CA GLU A 7 -27.60 -2.96 -25.73
C GLU A 7 -26.12 -3.42 -25.62
N TYR A 8 -25.23 -2.73 -26.31
CA TYR A 8 -23.82 -3.06 -26.24
C TYR A 8 -23.14 -2.04 -25.40
N THR A 9 -22.01 -2.47 -24.85
CA THR A 9 -21.13 -1.56 -24.21
C THR A 9 -20.08 -1.27 -25.24
N LEU A 10 -19.84 0.00 -25.51
CA LEU A 10 -18.85 0.39 -26.46
C LEU A 10 -17.65 0.86 -25.67
N ILE A 11 -16.56 0.09 -25.77
CA ILE A 11 -15.35 0.30 -24.98
C ILE A 11 -14.47 1.24 -25.75
N LYS A 12 -13.96 2.27 -25.08
CA LYS A 12 -12.97 3.17 -25.69
C LYS A 12 -11.55 2.77 -25.28
N LEU A 13 -10.70 2.43 -26.25
CA LEU A 13 -9.28 2.21 -26.05
C LEU A 13 -8.49 3.36 -26.67
N LYS A 14 -7.86 4.15 -25.82
CA LYS A 14 -7.16 5.37 -26.26
C LYS A 14 -5.86 5.06 -26.96
N ILE A 15 -5.59 5.63 -28.13
CA ILE A 15 -4.28 5.45 -28.75
C ILE A 15 -3.22 6.14 -27.90
N HIS A 16 -2.18 5.40 -27.57
CA HIS A 16 -1.19 5.85 -26.67
C HIS A 16 -0.11 6.51 -27.41
N LEU A 17 0.14 6.07 -28.64
CA LEU A 17 1.13 6.71 -29.51
C LEU A 17 0.55 6.74 -30.89
N ILE A 18 0.23 7.95 -31.32
CA ILE A 18 -0.34 8.22 -32.61
C ILE A 18 0.68 8.03 -33.72
N PRO A 19 0.42 7.08 -34.65
CA PRO A 19 1.30 6.88 -35.79
C PRO A 19 1.54 8.17 -36.58
N GLU A 20 2.79 8.39 -36.96
CA GLU A 20 3.17 9.48 -37.84
C GLU A 20 2.13 9.83 -38.90
N PHE A 21 1.74 8.84 -39.69
CA PHE A 21 0.85 9.09 -40.81
C PHE A 21 -0.52 9.71 -40.43
N LEU A 22 -1.03 9.40 -39.23
CA LEU A 22 -2.23 10.03 -38.67
C LEU A 22 -2.05 11.33 -37.89
N GLY A 23 -0.83 11.80 -37.68
CA GLY A 23 -0.58 13.02 -36.91
C GLY A 23 -1.14 14.27 -37.57
N SER A 24 -0.99 14.36 -38.90
CA SER A 24 -1.53 15.49 -39.65
C SER A 24 -3.05 15.51 -39.62
N ILE A 25 -3.66 14.33 -39.76
CA ILE A 25 -5.13 14.22 -39.76
C ILE A 25 -5.73 14.48 -38.37
N VAL A 26 -5.06 14.03 -37.32
CA VAL A 26 -5.64 14.08 -35.99
C VAL A 26 -5.52 15.45 -35.31
N LYS A 27 -4.35 16.08 -35.36
CA LYS A 27 -4.19 17.49 -34.91
C LYS A 27 -4.34 17.71 -33.40
N GLY A 28 -3.55 17.02 -32.60
CA GLY A 28 -3.65 17.19 -31.16
C GLY A 28 -4.97 16.76 -30.50
N ARG A 29 -5.86 16.06 -31.23
CA ARG A 29 -7.05 15.41 -30.64
C ARG A 29 -6.76 14.00 -30.04
N GLU A 30 -7.47 13.68 -28.95
CA GLU A 30 -7.55 12.35 -28.40
C GLU A 30 -8.27 11.41 -29.39
N VAL A 31 -7.60 10.35 -29.80
CA VAL A 31 -8.14 9.29 -30.65
C VAL A 31 -8.35 8.04 -29.83
N PHE A 32 -9.49 7.41 -29.99
CA PHE A 32 -9.79 6.14 -29.37
C PHE A 32 -10.18 5.19 -30.45
N VAL A 33 -9.75 3.96 -30.31
CA VAL A 33 -10.27 2.86 -31.07
C VAL A 33 -11.48 2.44 -30.27
N VAL A 34 -12.55 1.98 -30.93
CA VAL A 34 -13.77 1.57 -30.21
C VAL A 34 -14.33 0.23 -30.57
N CYS A 35 -14.78 -0.48 -29.53
CA CYS A 35 -15.17 -1.89 -29.66
C CYS A 35 -16.40 -2.15 -28.85
N ALA A 36 -17.25 -3.00 -29.38
CA ALA A 36 -18.50 -3.30 -28.77
C ALA A 36 -18.42 -4.62 -28.10
N THR A 37 -18.82 -4.70 -26.85
CA THR A 37 -18.89 -6.01 -26.20
C THR A 37 -20.20 -6.18 -25.49
N LEU A 38 -20.56 -7.46 -25.24
CA LEU A 38 -21.61 -7.78 -24.28
C LEU A 38 -21.12 -8.09 -22.90
N ARG A 39 -19.81 -8.00 -22.67
CA ARG A 39 -19.20 -8.63 -21.49
C ARG A 39 -18.18 -7.72 -20.90
N PRO A 40 -18.67 -6.64 -20.31
CA PRO A 40 -17.77 -5.71 -19.68
C PRO A 40 -17.00 -6.32 -18.53
N GLU A 41 -17.65 -7.29 -17.85
CA GLU A 41 -17.04 -8.09 -16.81
C GLU A 41 -15.66 -8.57 -17.25
N THR A 42 -15.52 -8.96 -18.54
CA THR A 42 -14.30 -9.57 -19.02
C THR A 42 -13.17 -8.60 -19.28
N MET A 43 -13.42 -7.31 -19.18
CA MET A 43 -12.41 -6.35 -19.59
C MET A 43 -11.20 -6.33 -18.68
N TYR A 44 -11.32 -6.82 -17.45
CA TYR A 44 -10.13 -7.13 -16.59
C TYR A 44 -9.03 -8.00 -17.30
N GLY A 45 -9.39 -8.83 -18.28
CA GLY A 45 -8.44 -9.69 -18.98
C GLY A 45 -7.99 -9.31 -20.40
N GLN A 46 -8.10 -8.07 -20.76
CA GLN A 46 -7.66 -7.72 -22.10
C GLN A 46 -6.13 -7.91 -22.16
N THR A 47 -5.71 -8.57 -23.24
CA THR A 47 -4.32 -8.80 -23.60
C THR A 47 -3.88 -8.08 -24.83
N ASN A 48 -4.83 -7.85 -25.74
CA ASN A 48 -4.59 -7.19 -27.04
C ASN A 48 -5.94 -6.68 -27.55
N CYS A 49 -5.93 -6.07 -28.73
CA CYS A 49 -7.11 -5.68 -29.41
C CYS A 49 -7.01 -6.24 -30.82
N TRP A 50 -8.16 -6.45 -31.46
CA TRP A 50 -8.19 -7.18 -32.69
C TRP A 50 -8.77 -6.27 -33.78
N ILE A 51 -8.18 -6.28 -34.97
CA ILE A 51 -8.63 -5.49 -36.11
C ILE A 51 -8.56 -6.30 -37.39
N LEU A 52 -9.48 -6.11 -38.33
CA LEU A 52 -9.43 -6.87 -39.59
C LEU A 52 -8.39 -6.23 -40.47
N PRO A 53 -7.34 -6.95 -40.81
CA PRO A 53 -6.31 -6.20 -41.60
C PRO A 53 -6.80 -5.59 -42.96
N ASP A 54 -7.66 -6.27 -43.72
CA ASP A 54 -8.15 -5.64 -45.00
C ASP A 54 -9.36 -4.69 -44.83
N GLY A 55 -10.01 -4.75 -43.66
CA GLY A 55 -11.07 -3.81 -43.28
C GLY A 55 -10.66 -2.37 -43.48
N GLU A 56 -11.61 -1.55 -43.94
CA GLU A 56 -11.43 -0.10 -44.06
C GLU A 56 -12.20 0.59 -42.97
N TYR A 57 -11.56 1.45 -42.23
CA TYR A 57 -12.11 2.04 -41.02
C TYR A 57 -12.00 3.56 -41.20
N ASP A 58 -12.93 4.30 -40.63
CA ASP A 58 -12.90 5.74 -40.72
C ASP A 58 -12.43 6.34 -39.45
N LEU A 59 -11.81 7.51 -39.59
CA LEU A 59 -11.48 8.36 -38.44
C LEU A 59 -12.59 9.41 -38.28
N VAL A 60 -13.41 9.24 -37.26
CA VAL A 60 -14.71 9.85 -37.22
C VAL A 60 -14.73 10.85 -36.07
N LEU A 61 -15.10 12.10 -36.34
CA LEU A 61 -15.14 13.09 -35.26
C LEU A 61 -16.27 12.71 -34.32
N ALA A 62 -16.14 13.01 -33.03
CA ALA A 62 -17.12 12.56 -32.07
C ALA A 62 -17.35 13.54 -30.97
N PHE A 63 -18.56 13.49 -30.41
CA PHE A 63 -18.88 14.29 -29.24
C PHE A 63 -17.99 13.93 -28.06
N ASP A 64 -17.56 14.96 -27.37
CA ASP A 64 -16.88 14.88 -26.09
C ASP A 64 -17.84 14.40 -24.97
N GLN A 65 -19.07 14.92 -24.95
CA GLN A 65 -20.11 14.47 -24.02
C GLN A 65 -21.34 13.90 -24.75
N VAL A 66 -21.96 12.88 -24.16
CA VAL A 66 -23.24 12.27 -24.59
C VAL A 66 -24.33 12.45 -23.48
N ILE A 67 -25.62 12.52 -23.84
CA ILE A 67 -26.75 12.70 -22.85
C ILE A 67 -27.56 11.39 -22.55
N PRO A 68 -26.95 10.40 -21.82
CA PRO A 68 -27.43 9.03 -21.89
C PRO A 68 -28.64 8.79 -20.97
N ASP A 75 -40.29 4.80 -26.03
CA ASP A 75 -40.03 6.00 -26.80
C ASP A 75 -38.61 5.94 -27.46
N GLY A 76 -38.00 7.08 -27.80
CA GLY A 76 -36.82 7.09 -28.69
C GLY A 76 -35.94 8.34 -28.67
N VAL A 77 -34.91 8.36 -29.52
CA VAL A 77 -33.64 9.08 -29.27
C VAL A 77 -33.28 10.28 -30.17
N LEU A 78 -32.56 11.25 -29.57
CA LEU A 78 -32.06 12.47 -30.25
C LEU A 78 -30.71 12.28 -30.92
N CYS A 79 -30.48 13.12 -31.95
CA CYS A 79 -29.14 13.43 -32.48
C CYS A 79 -29.07 14.88 -32.95
N LYS A 80 -27.91 15.36 -33.38
CA LYS A 80 -27.74 16.77 -33.76
C LYS A 80 -27.05 16.89 -35.07
N ILE A 81 -27.43 17.90 -35.86
CA ILE A 81 -26.86 18.25 -37.16
C ILE A 81 -26.35 19.67 -37.08
N PHE A 82 -25.29 19.99 -37.80
CA PHE A 82 -24.63 21.27 -37.78
C PHE A 82 -24.50 21.67 -39.25
N ASP A 83 -24.28 22.95 -39.56
CA ASP A 83 -24.14 23.36 -40.98
C ASP A 83 -22.86 22.80 -41.63
N LYS A 84 -21.77 22.91 -40.90
CA LYS A 84 -20.43 22.67 -41.44
C LYS A 84 -19.46 22.12 -40.36
N TYR A 85 -18.46 21.36 -40.82
CA TYR A 85 -17.35 20.85 -40.00
C TYR A 85 -16.94 21.83 -38.89
N GLU A 86 -16.76 23.10 -39.24
CA GLU A 86 -16.24 24.13 -38.32
C GLU A 86 -17.17 24.40 -37.12
N ASP A 87 -18.45 24.09 -37.27
CA ASP A 87 -19.42 24.29 -36.20
C ASP A 87 -19.34 23.27 -35.06
N THR A 88 -18.76 22.12 -35.34
CA THR A 88 -18.68 21.02 -34.37
C THR A 88 -17.54 21.18 -33.40
N MET A 89 -16.46 21.87 -33.82
CA MET A 89 -15.18 21.93 -33.09
C MET A 89 -15.30 22.35 -31.60
N LYS A 90 -16.40 23.05 -31.28
CA LYS A 90 -16.85 23.37 -29.90
C LYS A 90 -17.09 22.12 -29.06
N GLU A 91 -18.08 21.33 -29.47
CA GLU A 91 -18.53 20.17 -28.74
C GLU A 91 -17.77 18.88 -29.10
N CYS A 92 -16.83 18.94 -30.07
CA CYS A 92 -16.14 17.74 -30.61
C CYS A 92 -14.61 17.89 -30.84
N ASN A 93 -13.84 17.49 -29.81
CA ASN A 93 -12.36 17.37 -29.89
C ASN A 93 -11.85 15.93 -29.72
N THR A 94 -12.59 14.98 -30.29
CA THR A 94 -12.41 13.54 -30.07
C THR A 94 -12.62 12.77 -31.37
N VAL A 95 -11.77 11.80 -31.62
CA VAL A 95 -11.84 10.95 -32.79
C VAL A 95 -12.03 9.48 -32.41
N TYR A 96 -12.91 8.78 -33.12
CA TYR A 96 -13.10 7.38 -32.92
C TYR A 96 -12.70 6.70 -34.20
N ILE A 97 -11.91 5.62 -34.12
CA ILE A 97 -11.67 4.78 -35.28
C ILE A 97 -12.72 3.69 -35.32
N CYS A 98 -13.42 3.55 -36.45
CA CYS A 98 -14.47 2.54 -36.58
C CYS A 98 -14.99 2.44 -38.00
N SER A 99 -15.88 1.48 -38.22
CA SER A 99 -16.42 1.25 -39.52
C SER A 99 -17.39 2.41 -39.79
N GLU A 100 -17.42 2.87 -41.05
CA GLU A 100 -18.40 3.88 -41.50
C GLU A 100 -19.80 3.48 -41.09
N ARG A 101 -20.15 2.23 -41.37
CA ARG A 101 -21.44 1.70 -40.97
C ARG A 101 -21.79 2.01 -39.51
N SER A 102 -20.88 1.68 -38.59
CA SER A 102 -21.11 1.83 -37.16
C SER A 102 -21.08 3.29 -36.71
N ALA A 103 -20.28 4.11 -37.39
CA ALA A 103 -20.31 5.56 -37.19
C ALA A 103 -21.71 6.14 -37.53
N TYR A 104 -22.34 5.66 -38.61
CA TYR A 104 -23.69 6.14 -38.88
C TYR A 104 -24.55 5.75 -37.68
N ASN A 105 -24.47 4.50 -37.19
CA ASN A 105 -25.35 4.16 -36.06
C ASN A 105 -25.13 5.05 -34.86
N MET A 106 -23.90 5.46 -34.66
CA MET A 106 -23.56 6.28 -33.51
C MET A 106 -24.14 7.69 -33.69
N ALA A 107 -24.11 8.17 -34.95
CA ALA A 107 -24.68 9.47 -35.27
C ALA A 107 -26.18 9.50 -34.94
N TYR A 108 -26.89 8.42 -35.26
CA TYR A 108 -28.34 8.37 -35.04
C TYR A 108 -28.73 8.09 -33.65
N GLN A 109 -27.76 7.91 -32.77
CA GLN A 109 -28.00 7.84 -31.31
C GLN A 109 -27.31 8.95 -30.58
N GLY A 110 -26.71 9.89 -31.26
CA GLY A 110 -26.20 11.07 -30.62
C GLY A 110 -24.80 10.97 -30.09
N ILE A 111 -24.01 10.03 -30.60
CA ILE A 111 -22.61 9.78 -30.11
C ILE A 111 -21.59 10.49 -31.02
N VAL A 112 -21.92 10.62 -32.31
CA VAL A 112 -21.17 11.52 -33.20
C VAL A 112 -22.05 12.57 -33.86
N PRO A 113 -21.48 13.74 -34.15
CA PRO A 113 -22.22 14.73 -34.91
C PRO A 113 -22.54 14.32 -36.36
N LEU A 114 -23.65 14.85 -36.86
CA LEU A 114 -23.94 14.93 -38.27
C LEU A 114 -23.73 16.37 -38.74
N ILE A 115 -23.49 16.53 -40.02
CA ILE A 115 -23.34 17.83 -40.65
C ILE A 115 -24.17 17.84 -41.92
N HIS A 116 -24.62 19.04 -42.29
CA HIS A 116 -25.34 19.29 -43.56
C HIS A 116 -24.39 18.94 -44.70
N GLY A 117 -24.76 17.91 -45.45
CA GLY A 117 -24.16 17.58 -46.73
C GLY A 117 -25.25 17.87 -47.73
N ARG A 118 -24.83 18.03 -48.97
CA ARG A 118 -25.75 18.13 -50.09
C ARG A 118 -25.60 16.83 -50.89
N GLU A 119 -26.74 16.23 -51.21
CA GLU A 119 -26.80 15.00 -51.99
C GLU A 119 -26.16 15.19 -53.39
N GLN A 120 -25.66 14.10 -53.97
CA GLN A 120 -24.99 14.14 -55.26
C GLN A 120 -26.05 14.40 -56.32
N GLY A 121 -25.67 15.11 -57.39
CA GLY A 121 -26.48 15.18 -58.58
C GLY A 121 -27.24 16.45 -58.70
N VAL A 122 -28.28 16.38 -59.52
CA VAL A 122 -29.06 17.57 -59.90
C VAL A 122 -29.87 18.17 -58.75
N SER A 123 -30.26 17.34 -57.77
CA SER A 123 -31.15 17.74 -56.68
C SER A 123 -30.44 18.48 -55.53
N ASP A 124 -31.25 19.26 -54.84
CA ASP A 124 -30.84 20.08 -53.71
C ASP A 124 -30.73 19.25 -52.41
N LYS A 125 -31.51 18.16 -52.30
CA LYS A 125 -31.82 17.48 -51.03
C LYS A 125 -30.73 17.39 -49.95
N LEU A 126 -31.09 17.82 -48.74
CA LEU A 126 -30.23 17.67 -47.59
C LEU A 126 -29.96 16.19 -47.37
N LEU A 127 -28.66 15.88 -47.25
CA LEU A 127 -28.14 14.54 -46.94
C LEU A 127 -27.15 14.58 -45.73
N PRO A 128 -27.62 14.18 -44.53
CA PRO A 128 -26.72 14.17 -43.36
C PRO A 128 -25.54 13.23 -43.52
N ARG A 129 -24.36 13.74 -43.17
CA ARG A 129 -23.12 12.99 -43.23
C ARG A 129 -22.40 13.06 -41.88
N ILE A 130 -21.66 12.01 -41.58
CA ILE A 130 -20.70 12.07 -40.46
C ILE A 130 -19.50 12.89 -40.89
N VAL A 131 -18.64 13.16 -39.93
CA VAL A 131 -17.41 13.87 -40.19
C VAL A 131 -16.27 12.88 -40.19
N SER A 132 -15.97 12.33 -41.36
CA SER A 132 -14.83 11.46 -41.53
C SER A 132 -13.59 12.29 -41.74
N LEU A 133 -12.55 12.16 -40.93
CA LEU A 133 -11.32 12.91 -41.19
C LEU A 133 -10.43 12.23 -42.21
N GLY A 134 -10.70 10.93 -42.43
CA GLY A 134 -9.94 10.07 -43.34
C GLY A 134 -10.35 8.61 -43.16
N LYS A 135 -9.96 7.79 -44.13
CA LYS A 135 -10.10 6.34 -44.15
C LYS A 135 -8.73 5.74 -43.79
N VAL A 136 -8.72 4.52 -43.22
CA VAL A 136 -7.46 3.79 -42.96
C VAL A 136 -7.65 2.28 -43.00
N TYR A 137 -6.69 1.51 -43.51
CA TYR A 137 -6.81 0.04 -43.45
C TYR A 137 -6.34 -0.49 -42.06
N GLY A 138 -7.01 -1.52 -41.55
CA GLY A 138 -6.60 -2.16 -40.31
C GLY A 138 -5.12 -2.52 -40.21
N GLU A 139 -4.57 -3.12 -41.27
CA GLU A 139 -3.20 -3.49 -41.28
C GLU A 139 -2.31 -2.30 -40.87
N GLN A 140 -2.68 -1.09 -41.26
CA GLN A 140 -1.89 0.08 -40.96
C GLN A 140 -1.88 0.42 -39.46
N LEU A 141 -2.70 -0.27 -38.67
CA LEU A 141 -2.80 0.01 -37.24
C LEU A 141 -2.26 -1.11 -36.36
N ILE A 142 -1.78 -2.18 -36.96
CA ILE A 142 -1.22 -3.29 -36.22
C ILE A 142 0.01 -2.79 -35.52
N GLY A 143 0.14 -3.14 -34.23
CA GLY A 143 1.27 -2.67 -33.42
C GLY A 143 1.07 -1.33 -32.75
N THR A 144 -0.11 -0.78 -32.92
CA THR A 144 -0.41 0.49 -32.29
C THR A 144 -0.67 0.26 -30.79
N PRO A 145 0.02 1.01 -29.95
CA PRO A 145 -0.28 0.89 -28.53
C PRO A 145 -1.54 1.61 -28.05
N LEU A 146 -2.33 0.94 -27.23
CA LEU A 146 -3.56 1.44 -26.67
C LEU A 146 -3.57 1.42 -25.16
N SER A 147 -4.17 2.46 -24.60
CA SER A 147 -4.28 2.57 -23.18
C SER A 147 -5.64 1.97 -22.85
N ALA A 148 -5.68 0.76 -22.32
CA ALA A 148 -6.96 0.04 -22.14
C ALA A 148 -7.45 0.12 -20.69
N PRO A 149 -8.78 0.30 -20.49
CA PRO A 149 -9.40 0.38 -19.20
C PRO A 149 -9.53 -0.98 -18.60
N MET A 150 -9.52 -0.98 -17.27
CA MET A 150 -9.59 -2.18 -16.46
C MET A 150 -8.51 -3.25 -16.55
N THR A 151 -7.89 -3.54 -17.70
CA THR A 151 -6.86 -4.59 -17.66
C THR A 151 -5.58 -4.16 -16.93
N PRO A 152 -5.03 -5.01 -16.11
CA PRO A 152 -3.81 -4.61 -15.41
C PRO A 152 -2.54 -4.56 -16.28
N TYR A 153 -2.48 -5.29 -17.40
CA TYR A 153 -1.50 -4.92 -18.47
C TYR A 153 -2.04 -3.66 -18.82
N SER A 154 -1.33 -2.58 -19.03
CA SER A 154 -2.29 -1.37 -19.15
C SER A 154 -2.19 -0.74 -20.53
N LEU A 155 -1.02 -0.89 -21.17
CA LEU A 155 -0.85 -0.82 -22.57
C LEU A 155 -1.12 -2.15 -23.16
N ILE A 156 -1.82 -2.21 -24.29
CA ILE A 156 -1.96 -3.44 -25.04
C ILE A 156 -1.87 -3.00 -26.50
N PHE A 157 -1.75 -3.94 -27.44
CA PHE A 157 -1.48 -3.65 -28.84
C PHE A 157 -2.53 -4.19 -29.78
N ILE A 158 -2.67 -3.51 -30.93
CA ILE A 158 -3.52 -3.99 -31.98
C ILE A 158 -2.82 -5.10 -32.75
N LEU A 159 -3.50 -6.23 -32.77
CA LEU A 159 -3.16 -7.35 -33.62
C LEU A 159 -4.36 -7.74 -34.55
N PRO A 160 -4.04 -8.53 -35.62
CA PRO A 160 -5.00 -8.94 -36.61
C PRO A 160 -5.76 -10.16 -36.21
N MET A 161 -7.05 -10.21 -36.51
CA MET A 161 -7.97 -11.36 -36.35
C MET A 161 -8.78 -11.41 -37.63
N PHE A 162 -8.77 -12.54 -38.29
CA PHE A 162 -9.26 -12.70 -39.64
C PHE A 162 -10.73 -13.09 -39.68
N SER A 163 -11.28 -13.52 -38.54
CA SER A 163 -12.71 -13.87 -38.39
C SER A 163 -13.63 -12.67 -38.13
N ILE A 164 -13.08 -11.46 -38.02
CA ILE A 164 -13.95 -10.27 -37.84
C ILE A 164 -14.86 -9.97 -39.03
N SER A 165 -16.11 -9.69 -38.70
CA SER A 165 -17.09 -9.16 -39.65
C SER A 165 -17.19 -7.65 -39.61
N MET A 166 -16.93 -7.00 -40.75
CA MET A 166 -17.23 -5.56 -40.91
C MET A 166 -18.73 -5.20 -40.78
N GLU A 167 -19.62 -6.15 -41.06
CA GLU A 167 -21.03 -5.97 -40.87
C GLU A 167 -21.52 -5.89 -39.40
N LYS A 168 -20.66 -6.08 -38.38
CA LYS A 168 -21.10 -6.06 -36.95
C LYS A 168 -20.22 -5.18 -36.07
N GLY A 169 -20.79 -4.69 -34.99
CA GLY A 169 -20.13 -3.76 -34.15
C GLY A 169 -19.38 -2.72 -34.95
N THR A 170 -18.11 -2.50 -34.66
CA THR A 170 -17.28 -1.53 -35.33
C THR A 170 -16.23 -2.17 -36.21
N GLY A 171 -16.19 -3.50 -36.24
CA GLY A 171 -15.13 -4.22 -36.90
C GLY A 171 -13.79 -4.18 -36.17
N ILE A 172 -13.86 -3.76 -34.89
CA ILE A 172 -12.72 -3.79 -33.99
C ILE A 172 -13.18 -4.27 -32.63
N VAL A 173 -12.36 -5.11 -32.04
CA VAL A 173 -12.83 -5.99 -31.01
C VAL A 173 -11.79 -6.13 -29.91
N THR A 174 -12.30 -6.40 -28.69
CA THR A 174 -11.47 -6.66 -27.52
C THR A 174 -11.03 -8.12 -27.49
N SER A 175 -9.88 -8.31 -26.87
CA SER A 175 -9.31 -9.64 -26.70
C SER A 175 -9.18 -10.07 -25.26
N VAL A 176 -10.02 -11.02 -24.84
CA VAL A 176 -9.95 -11.66 -23.54
C VAL A 176 -9.84 -13.17 -23.79
N PRO A 177 -8.63 -13.62 -24.17
CA PRO A 177 -8.38 -15.03 -24.45
C PRO A 177 -8.57 -15.99 -23.29
N SER A 178 -8.57 -15.48 -22.07
CA SER A 178 -8.98 -16.29 -20.93
C SER A 178 -10.40 -16.80 -21.01
N ASP A 179 -11.31 -15.99 -21.54
CA ASP A 179 -12.72 -16.32 -21.45
C ASP A 179 -13.54 -16.06 -22.69
N SER A 180 -12.87 -15.85 -23.81
CA SER A 180 -13.50 -15.73 -25.14
C SER A 180 -12.82 -16.77 -26.12
N PRO A 181 -13.51 -17.83 -26.48
CA PRO A 181 -13.02 -18.78 -27.44
C PRO A 181 -12.45 -18.16 -28.72
N ASP A 182 -13.12 -17.13 -29.25
CA ASP A 182 -12.68 -16.50 -30.47
C ASP A 182 -11.29 -15.93 -30.24
N ASP A 183 -11.17 -15.20 -29.12
CA ASP A 183 -9.87 -14.60 -28.77
C ASP A 183 -8.79 -15.60 -28.45
N TYR A 184 -9.15 -16.71 -27.78
CA TYR A 184 -8.16 -17.75 -27.49
C TYR A 184 -7.65 -18.23 -28.84
N ALA A 185 -8.58 -18.44 -29.76
CA ALA A 185 -8.25 -19.13 -31.00
C ALA A 185 -7.37 -18.24 -31.86
N ALA A 186 -7.75 -16.97 -31.94
CA ALA A 186 -7.01 -16.03 -32.80
C ALA A 186 -5.61 -15.77 -32.24
N LEU A 187 -5.52 -15.77 -30.91
CA LEU A 187 -4.26 -15.53 -30.28
C LEU A 187 -3.31 -16.77 -30.41
N ARG A 188 -3.84 -17.96 -30.15
CA ARG A 188 -3.07 -19.18 -30.39
C ARG A 188 -2.60 -19.30 -31.85
N ASP A 189 -3.42 -18.87 -32.83
CA ASP A 189 -2.99 -18.88 -34.24
C ASP A 189 -1.77 -17.98 -34.39
N ILE A 190 -1.69 -16.90 -33.62
CA ILE A 190 -0.52 -16.00 -33.71
C ILE A 190 0.73 -16.59 -33.03
N LYS A 191 0.54 -17.07 -31.80
CA LYS A 191 1.58 -17.71 -31.07
C LYS A 191 2.25 -18.91 -31.80
N THR A 192 1.48 -19.68 -32.56
CA THR A 192 1.99 -20.94 -33.11
C THR A 192 2.30 -20.90 -34.62
N LYS A 193 2.00 -19.78 -35.29
CA LYS A 193 2.31 -19.61 -36.73
C LYS A 193 3.35 -18.53 -36.96
N PRO A 194 4.64 -18.88 -36.87
CA PRO A 194 5.70 -17.92 -37.19
C PRO A 194 5.55 -17.30 -38.55
N LEU A 195 5.07 -18.04 -39.54
CA LEU A 195 4.94 -17.42 -40.88
C LEU A 195 3.93 -16.29 -40.90
N LEU A 196 2.91 -16.40 -40.05
CA LEU A 196 1.89 -15.35 -39.89
C LEU A 196 2.37 -14.11 -39.17
N ARG A 197 3.27 -14.28 -38.20
CA ARG A 197 3.82 -13.14 -37.49
C ARG A 197 4.68 -12.27 -38.42
N GLU A 198 5.49 -12.99 -39.19
CA GLU A 198 6.45 -12.37 -40.05
C GLU A 198 5.76 -11.56 -41.18
N LYS A 199 4.61 -12.04 -41.62
CA LYS A 199 3.79 -11.39 -42.63
C LYS A 199 3.24 -10.01 -42.20
N TYR A 200 2.76 -9.93 -40.94
CA TYR A 200 2.27 -8.67 -40.37
C TYR A 200 3.28 -7.92 -39.51
N SER A 201 4.57 -8.27 -39.61
CA SER A 201 5.60 -7.63 -38.80
C SER A 201 5.22 -7.55 -37.29
N ILE A 202 4.65 -8.65 -36.80
CA ILE A 202 4.31 -8.80 -35.40
C ILE A 202 5.53 -9.02 -34.49
N LYS A 203 5.66 -8.16 -33.50
CA LYS A 203 6.80 -8.23 -32.61
C LYS A 203 6.42 -9.07 -31.41
N ASP A 204 7.38 -9.79 -30.88
CA ASP A 204 7.10 -10.68 -29.76
C ASP A 204 6.51 -9.92 -28.56
N GLU A 205 7.11 -8.81 -28.18
CA GLU A 205 6.57 -7.96 -27.10
C GLU A 205 5.11 -7.46 -27.17
N TRP A 206 4.48 -7.61 -28.34
CA TRP A 206 3.07 -7.25 -28.55
C TRP A 206 2.15 -8.34 -28.09
N ILE A 207 2.68 -9.54 -27.88
CA ILE A 207 1.87 -10.71 -27.50
C ILE A 207 1.93 -11.01 -26.01
N LEU A 208 0.89 -10.63 -25.31
CA LEU A 208 0.72 -10.79 -23.89
C LEU A 208 -0.08 -12.07 -23.49
N ASP A 209 0.30 -12.71 -22.37
CA ASP A 209 -0.39 -13.93 -21.98
C ASP A 209 -1.78 -13.69 -21.42
N PRO A 210 -2.68 -14.66 -21.57
CA PRO A 210 -3.94 -14.56 -20.87
C PRO A 210 -3.81 -14.29 -19.37
N LEU A 211 -4.81 -13.65 -18.78
CA LEU A 211 -4.83 -13.25 -17.40
C LEU A 211 -5.83 -14.06 -16.67
N GLU A 212 -5.57 -14.40 -15.40
CA GLU A 212 -6.58 -15.10 -14.62
C GLU A 212 -7.52 -14.07 -14.08
N ILE A 213 -8.77 -14.13 -14.52
CA ILE A 213 -9.79 -13.15 -14.08
C ILE A 213 -11.10 -13.71 -13.57
N ILE A 214 -11.50 -14.85 -14.07
CA ILE A 214 -12.79 -15.38 -13.76
C ILE A 214 -12.60 -16.85 -13.48
N GLU A 215 -12.99 -17.25 -12.27
CA GLU A 215 -12.98 -18.64 -11.85
C GLU A 215 -14.34 -19.23 -12.10
N VAL A 216 -14.37 -20.41 -12.67
CA VAL A 216 -15.57 -21.16 -12.92
C VAL A 216 -15.30 -22.50 -12.26
N PRO A 217 -16.08 -22.89 -11.22
CA PRO A 217 -15.98 -24.25 -10.63
C PRO A 217 -15.88 -25.39 -11.66
N GLY A 218 -14.83 -26.20 -11.51
CA GLY A 218 -14.60 -27.32 -12.38
C GLY A 218 -13.76 -27.00 -13.59
N PHE A 219 -13.71 -25.73 -14.01
CA PHE A 219 -12.86 -25.29 -15.12
C PHE A 219 -11.61 -24.53 -14.65
N GLY A 220 -11.70 -23.81 -13.54
CA GLY A 220 -10.62 -22.89 -13.12
C GLY A 220 -10.66 -21.52 -13.78
N PHE A 221 -9.52 -21.09 -14.34
CA PHE A 221 -9.28 -19.73 -14.85
C PHE A 221 -8.93 -19.65 -16.34
N MET A 222 -9.05 -20.74 -17.09
CA MET A 222 -8.79 -20.72 -18.53
C MET A 222 -9.88 -21.48 -19.27
N THR A 223 -11.10 -21.00 -19.04
CA THR A 223 -12.32 -21.64 -19.50
C THR A 223 -12.42 -21.67 -21.03
N ALA A 224 -11.97 -20.61 -21.66
CA ALA A 224 -11.92 -20.56 -23.10
C ALA A 224 -11.03 -21.65 -23.73
N GLU A 225 -9.81 -21.81 -23.22
CA GLU A 225 -8.94 -22.92 -23.67
C GLU A 225 -9.59 -24.32 -23.49
N LEU A 226 -10.23 -24.57 -22.34
CA LEU A 226 -10.88 -25.88 -22.13
C LEU A 226 -12.04 -26.13 -23.11
N LEU A 227 -12.83 -25.09 -23.39
CA LEU A 227 -13.96 -25.24 -24.30
C LEU A 227 -13.46 -25.40 -25.70
N CYS A 228 -12.41 -24.66 -26.07
CA CYS A 228 -11.84 -24.81 -27.40
C CYS A 228 -11.37 -26.27 -27.59
N ASN A 229 -10.70 -26.81 -26.59
CA ASN A 229 -10.30 -28.22 -26.61
C ASN A 229 -11.53 -29.14 -26.64
N GLN A 230 -12.52 -28.87 -25.81
CA GLN A 230 -13.66 -29.76 -25.76
C GLN A 230 -14.47 -29.78 -27.06
N TYR A 231 -14.53 -28.66 -27.75
CA TYR A 231 -15.14 -28.54 -29.07
C TYR A 231 -14.20 -28.94 -30.22
N LYS A 232 -12.92 -29.14 -29.90
CA LYS A 232 -11.90 -29.45 -30.92
C LYS A 232 -11.74 -28.28 -31.91
N ILE A 233 -11.44 -27.11 -31.38
CA ILE A 233 -11.34 -25.90 -32.19
C ILE A 233 -9.89 -25.74 -32.53
N GLN A 234 -9.63 -25.74 -33.82
CA GLN A 234 -8.28 -25.79 -34.30
C GLN A 234 -7.82 -24.47 -34.85
N SER A 235 -8.71 -23.65 -35.44
CA SER A 235 -8.30 -22.32 -35.90
C SER A 235 -9.36 -21.31 -35.55
N GLN A 236 -9.00 -20.04 -35.69
CA GLN A 236 -9.96 -18.98 -35.56
C GLN A 236 -11.01 -19.05 -36.63
N ASN A 237 -10.78 -19.81 -37.71
CA ASN A 237 -11.76 -19.98 -38.78
C ASN A 237 -12.82 -21.07 -38.59
N ASP A 238 -12.86 -21.74 -37.42
CA ASP A 238 -13.87 -22.79 -37.18
C ASP A 238 -15.15 -22.16 -36.63
N SER A 239 -15.88 -21.44 -37.48
CA SER A 239 -16.92 -20.52 -37.02
C SER A 239 -18.23 -21.13 -36.54
N ALA A 240 -18.64 -22.29 -37.07
CA ALA A 240 -19.77 -23.01 -36.45
C ALA A 240 -19.47 -23.34 -34.96
N LYS A 241 -18.38 -24.06 -34.73
CA LYS A 241 -17.93 -24.42 -33.39
C LYS A 241 -17.67 -23.19 -32.48
N LEU A 242 -17.09 -22.15 -33.03
CA LEU A 242 -16.83 -20.94 -32.24
C LEU A 242 -18.12 -20.21 -31.80
N LYS A 243 -19.04 -20.04 -32.75
CA LYS A 243 -20.34 -19.44 -32.45
C LYS A 243 -21.02 -20.20 -31.31
N GLN A 244 -21.08 -21.52 -31.47
CA GLN A 244 -21.69 -22.36 -30.48
C GLN A 244 -21.00 -22.21 -29.12
N ALA A 245 -19.67 -22.28 -29.12
CA ALA A 245 -18.88 -22.21 -27.91
C ALA A 245 -18.99 -20.84 -27.26
N LYS A 246 -19.03 -19.81 -28.06
CA LYS A 246 -19.28 -18.48 -27.54
C LYS A 246 -20.60 -18.36 -26.76
N GLU A 247 -21.67 -19.00 -27.23
CA GLU A 247 -22.94 -18.99 -26.52
C GLU A 247 -22.78 -19.77 -25.21
N GLU A 248 -22.14 -20.95 -25.25
CA GLU A 248 -21.92 -21.72 -24.02
C GLU A 248 -21.16 -20.94 -22.96
N ILE A 249 -19.96 -20.47 -23.31
CA ILE A 249 -19.17 -19.77 -22.33
C ILE A 249 -19.92 -18.59 -21.76
N TYR A 250 -20.62 -17.83 -22.61
CA TYR A 250 -21.40 -16.66 -22.15
C TYR A 250 -22.26 -16.99 -20.93
N LYS A 251 -22.99 -18.09 -21.07
CA LYS A 251 -24.12 -18.46 -20.26
C LYS A 251 -23.53 -19.06 -18.99
N LYS A 252 -22.67 -20.06 -19.20
CA LYS A 252 -21.85 -20.64 -18.15
C LYS A 252 -21.16 -19.59 -17.23
N GLU A 253 -20.53 -18.58 -17.82
CA GLU A 253 -19.82 -17.61 -17.01
C GLU A 253 -20.80 -16.64 -16.35
N PHE A 254 -21.93 -16.41 -16.99
CA PHE A 254 -22.90 -15.51 -16.42
C PHE A 254 -23.37 -16.00 -15.07
N TYR A 255 -23.65 -17.29 -14.98
CA TYR A 255 -24.23 -17.87 -13.79
C TYR A 255 -23.18 -18.42 -12.78
N GLU A 256 -22.19 -19.14 -13.28
CA GLU A 256 -21.29 -19.86 -12.42
C GLU A 256 -19.94 -19.10 -12.23
N GLY A 257 -19.70 -18.06 -13.03
CA GLY A 257 -18.42 -17.34 -13.00
C GLY A 257 -18.27 -16.45 -11.77
N ILE A 258 -17.07 -16.48 -11.19
CA ILE A 258 -16.75 -15.65 -10.04
C ILE A 258 -15.57 -14.77 -10.39
N LEU A 259 -15.74 -13.47 -10.12
CA LEU A 259 -14.69 -12.51 -10.38
C LEU A 259 -13.57 -12.68 -9.36
N ILE A 260 -12.33 -12.69 -9.82
CA ILE A 260 -11.20 -12.74 -8.91
C ILE A 260 -10.28 -11.55 -9.11
N ARG A 261 -10.83 -10.45 -9.63
CA ARG A 261 -10.06 -9.28 -9.97
C ARG A 261 -10.91 -8.09 -9.74
N GLY A 262 -10.25 -7.02 -9.32
CA GLY A 262 -10.85 -5.68 -9.29
C GLY A 262 -11.78 -5.42 -8.12
N LYS A 263 -12.34 -4.22 -8.12
CA LYS A 263 -13.28 -3.78 -7.09
C LYS A 263 -14.23 -4.87 -6.56
N TYR A 264 -14.83 -5.67 -7.46
CA TYR A 264 -15.87 -6.62 -7.08
C TYR A 264 -15.39 -8.08 -7.07
N SER A 265 -14.11 -8.33 -6.80
CA SER A 265 -13.61 -9.72 -6.65
C SER A 265 -14.38 -10.52 -5.61
N GLY A 266 -14.54 -11.81 -5.83
CA GLY A 266 -15.35 -12.63 -4.99
C GLY A 266 -16.84 -12.60 -5.31
N MET A 267 -17.32 -11.66 -6.10
CA MET A 267 -18.73 -11.71 -6.54
C MET A 267 -18.94 -12.61 -7.75
N LYS A 268 -20.13 -13.22 -7.83
CA LYS A 268 -20.60 -13.90 -9.03
C LYS A 268 -20.85 -12.83 -10.09
N ILE A 269 -20.61 -13.19 -11.35
CA ILE A 269 -20.68 -12.24 -12.46
C ILE A 269 -22.07 -11.68 -12.66
N CYS A 270 -23.09 -12.52 -12.48
CA CYS A 270 -24.48 -12.08 -12.56
C CYS A 270 -24.78 -10.99 -11.54
N ASP A 271 -24.13 -11.05 -10.37
CA ASP A 271 -24.24 -9.98 -9.37
C ASP A 271 -23.42 -8.72 -9.70
N ALA A 272 -22.28 -8.85 -10.40
CA ALA A 272 -21.36 -7.71 -10.66
C ALA A 272 -21.43 -7.05 -12.05
N LYS A 273 -21.94 -7.77 -13.04
CA LYS A 273 -21.96 -7.24 -14.39
C LYS A 273 -22.55 -5.84 -14.52
N GLU A 274 -23.76 -5.62 -14.02
CA GLU A 274 -24.38 -4.30 -14.10
C GLU A 274 -23.55 -3.22 -13.49
N LEU A 275 -23.04 -3.48 -12.29
CA LEU A 275 -22.27 -2.49 -11.55
C LEU A 275 -21.03 -2.10 -12.31
N ILE A 276 -20.33 -3.11 -12.85
CA ILE A 276 -19.14 -2.90 -13.67
C ILE A 276 -19.45 -2.06 -14.90
N ARG A 277 -20.47 -2.43 -15.65
CA ARG A 277 -20.90 -1.64 -16.78
C ARG A 277 -21.22 -0.19 -16.35
N GLU A 278 -22.04 0.02 -15.30
CA GLU A 278 -22.36 1.39 -14.82
C GLU A 278 -21.11 2.23 -14.60
N SER A 279 -20.07 1.58 -14.10
CA SER A 279 -18.86 2.24 -13.68
C SER A 279 -18.08 2.70 -14.89
N LEU A 280 -18.01 1.82 -15.88
CA LEU A 280 -17.34 2.13 -17.14
C LEU A 280 -17.94 3.36 -17.83
N ILE A 281 -19.27 3.38 -17.94
CA ILE A 281 -19.97 4.52 -18.49
C ILE A 281 -19.77 5.74 -17.63
N LYS A 282 -19.81 5.59 -16.31
CA LYS A 282 -19.69 6.74 -15.45
C LYS A 282 -18.28 7.33 -15.49
N ASP A 283 -17.23 6.51 -15.50
CA ASP A 283 -15.83 6.99 -15.57
C ASP A 283 -15.36 7.40 -16.98
N GLY A 284 -16.17 7.18 -18.01
CA GLY A 284 -15.79 7.62 -19.35
C GLY A 284 -15.01 6.58 -20.14
N TYR A 285 -14.93 5.38 -19.61
CA TYR A 285 -14.24 4.33 -20.29
C TYR A 285 -15.11 3.68 -21.33
N ALA A 286 -16.44 3.87 -21.23
CA ALA A 286 -17.34 3.34 -22.27
C ALA A 286 -18.64 4.11 -22.45
N LEU A 287 -19.33 3.77 -23.54
CA LEU A 287 -20.65 4.29 -23.91
C LEU A 287 -21.64 3.16 -24.17
N ILE A 288 -22.94 3.46 -24.02
CA ILE A 288 -23.97 2.55 -24.47
C ILE A 288 -24.07 2.71 -25.98
N TYR A 289 -24.26 1.59 -26.67
CA TYR A 289 -24.38 1.59 -28.13
C TYR A 289 -25.36 0.53 -28.53
N LEU A 290 -26.41 0.95 -29.23
CA LEU A 290 -27.48 0.08 -29.74
C LEU A 290 -27.26 -0.34 -31.21
N GLU A 291 -27.61 -1.59 -31.50
CA GLU A 291 -27.37 -2.20 -32.80
C GLU A 291 -28.08 -3.54 -32.92
N PRO B 5 2.55 25.09 -3.02
CA PRO B 5 1.14 25.38 -3.30
C PRO B 5 0.10 24.74 -2.32
N GLN B 6 0.55 24.41 -1.09
CA GLN B 6 0.15 23.17 -0.40
C GLN B 6 -0.95 23.23 0.67
N GLU B 7 -1.58 22.07 0.88
CA GLU B 7 -2.83 21.91 1.65
C GLU B 7 -2.57 21.30 3.06
N TYR B 8 -2.30 22.24 3.97
CA TYR B 8 -2.08 21.93 5.36
C TYR B 8 -3.44 21.77 5.98
N THR B 9 -3.46 21.15 7.15
CA THR B 9 -4.66 21.06 7.99
C THR B 9 -4.32 21.97 9.15
N LEU B 10 -5.20 22.93 9.39
CA LEU B 10 -5.02 23.89 10.46
C LEU B 10 -5.81 23.44 11.70
N ILE B 11 -5.11 22.75 12.59
CA ILE B 11 -5.72 22.29 13.83
C ILE B 11 -6.07 23.47 14.75
N LYS B 12 -7.21 23.34 15.45
CA LYS B 12 -7.73 24.29 16.43
C LYS B 12 -7.54 23.73 17.82
N LEU B 13 -6.73 24.39 18.63
CA LEU B 13 -6.52 23.90 19.98
C LEU B 13 -7.21 24.92 20.88
N LYS B 14 -8.37 24.51 21.46
CA LYS B 14 -9.20 25.41 22.26
C LYS B 14 -8.53 25.66 23.59
N ILE B 15 -8.35 26.94 23.92
CA ILE B 15 -7.76 27.27 25.20
C ILE B 15 -8.83 27.01 26.27
N HIS B 16 -8.38 26.38 27.35
CA HIS B 16 -9.25 26.00 28.48
C HIS B 16 -9.40 27.11 29.59
N LEU B 17 -8.40 27.28 30.47
CA LEU B 17 -8.32 28.48 31.30
C LEU B 17 -7.57 29.57 30.55
N ILE B 18 -8.32 30.62 30.21
CA ILE B 18 -7.77 31.81 29.61
C ILE B 18 -6.89 32.44 30.71
N PRO B 19 -5.63 32.79 30.35
CA PRO B 19 -4.79 33.43 31.37
C PRO B 19 -5.36 34.80 31.72
N GLU B 20 -5.35 35.11 33.02
CA GLU B 20 -6.09 36.28 33.54
C GLU B 20 -5.72 37.55 32.77
N PHE B 21 -4.44 37.72 32.41
CA PHE B 21 -3.97 38.93 31.75
C PHE B 21 -4.50 39.13 30.33
N LEU B 22 -5.10 38.11 29.74
CA LEU B 22 -5.78 38.27 28.46
C LEU B 22 -7.29 38.24 28.57
N GLY B 23 -7.81 38.03 29.79
CA GLY B 23 -9.25 38.18 30.05
C GLY B 23 -9.80 39.44 29.38
N SER B 24 -9.17 40.58 29.67
CA SER B 24 -9.56 41.89 29.16
C SER B 24 -9.94 41.89 27.65
N ILE B 25 -9.09 41.28 26.84
CA ILE B 25 -9.16 41.39 25.36
C ILE B 25 -10.07 40.33 24.71
N VAL B 26 -10.08 39.11 25.26
CA VAL B 26 -10.89 38.00 24.75
C VAL B 26 -12.38 38.25 24.92
N LYS B 27 -12.75 38.69 26.14
CA LYS B 27 -14.12 39.06 26.49
C LYS B 27 -15.08 37.88 26.33
N GLY B 28 -14.78 36.75 26.94
CA GLY B 28 -15.65 35.57 26.86
C GLY B 28 -15.62 34.73 25.58
N ARG B 29 -15.37 35.36 24.42
CA ARG B 29 -15.23 34.65 23.12
C ARG B 29 -14.44 33.36 23.20
N GLU B 30 -14.75 32.44 22.28
CA GLU B 30 -13.98 31.21 22.17
C GLU B 30 -12.62 31.51 21.54
N VAL B 31 -11.56 30.96 22.17
CA VAL B 31 -10.16 31.17 21.77
C VAL B 31 -9.46 29.85 21.44
N PHE B 32 -9.06 29.72 20.18
CA PHE B 32 -8.23 28.60 19.75
C PHE B 32 -6.80 29.03 19.43
N VAL B 33 -5.82 28.24 19.87
CA VAL B 33 -4.48 28.20 19.20
C VAL B 33 -4.58 27.42 17.87
N VAL B 34 -3.85 27.87 16.85
CA VAL B 34 -3.89 27.21 15.55
C VAL B 34 -2.48 26.82 15.07
N CYS B 35 -2.42 25.67 14.39
CA CYS B 35 -1.16 24.98 14.06
C CYS B 35 -1.29 24.28 12.76
N ALA B 36 -0.31 24.46 11.87
CA ALA B 36 -0.43 23.79 10.60
C ALA B 36 0.21 22.44 10.68
N THR B 37 -0.46 21.40 10.25
CA THR B 37 0.15 20.10 10.19
C THR B 37 -0.13 19.45 8.87
N LEU B 38 0.81 18.63 8.41
CA LEU B 38 0.51 17.77 7.30
C LEU B 38 0.06 16.43 7.76
N ARG B 39 -0.04 16.23 9.08
CA ARG B 39 -0.09 14.90 9.65
C ARG B 39 -1.23 14.75 10.64
N PRO B 40 -2.47 14.88 10.10
CA PRO B 40 -3.69 14.88 10.90
C PRO B 40 -3.98 13.53 11.57
N GLU B 41 -3.51 12.48 10.95
CA GLU B 41 -3.64 11.14 11.50
C GLU B 41 -2.81 10.94 12.74
N THR B 42 -1.89 11.86 13.02
CA THR B 42 -1.06 11.78 14.22
C THR B 42 -1.61 12.59 15.39
N MET B 43 -2.81 13.12 15.23
CA MET B 43 -3.39 13.99 16.25
C MET B 43 -3.83 13.26 17.56
N TYR B 44 -4.16 11.96 17.45
CA TYR B 44 -4.36 11.07 18.59
C TYR B 44 -3.19 10.99 19.53
N GLY B 45 -2.03 11.46 19.11
CA GLY B 45 -0.82 11.34 19.88
C GLY B 45 -0.32 12.62 20.49
N GLN B 46 -1.05 13.69 20.33
CA GLN B 46 -0.64 14.96 20.92
C GLN B 46 -0.38 14.90 22.42
N THR B 47 0.77 15.36 22.82
CA THR B 47 1.19 15.44 24.21
C THR B 47 1.42 16.88 24.69
N ASN B 48 1.57 17.82 23.79
CA ASN B 48 1.79 19.19 24.14
C ASN B 48 1.65 20.03 22.88
N CYS B 49 2.08 21.27 22.96
CA CYS B 49 1.99 22.19 21.83
C CYS B 49 3.27 23.02 21.92
N TRP B 50 3.81 23.43 20.79
CA TRP B 50 5.12 24.06 20.83
C TRP B 50 4.95 25.51 20.39
N ILE B 51 5.61 26.42 21.09
CA ILE B 51 5.69 27.81 20.72
C ILE B 51 7.12 28.30 20.83
N LEU B 52 7.41 29.43 20.21
CA LEU B 52 8.75 30.02 20.25
C LEU B 52 8.73 31.12 21.31
N PRO B 53 9.62 31.02 22.33
CA PRO B 53 9.63 31.98 23.45
C PRO B 53 9.78 33.45 23.07
N ASP B 54 10.86 33.81 22.40
CA ASP B 54 11.11 35.17 21.96
C ASP B 54 10.21 35.62 20.82
N GLY B 55 9.35 34.76 20.29
CA GLY B 55 8.50 35.11 19.14
C GLY B 55 7.21 35.87 19.46
N GLU B 56 6.73 36.69 18.52
CA GLU B 56 5.56 37.56 18.75
C GLU B 56 4.35 37.17 17.92
N TYR B 57 3.25 36.87 18.58
CA TYR B 57 2.07 36.29 17.94
C TYR B 57 0.84 37.22 18.08
N ASP B 58 -0.02 37.25 17.07
CA ASP B 58 -1.22 38.07 17.17
C ASP B 58 -2.40 37.28 17.74
N LEU B 59 -3.23 37.97 18.52
CA LEU B 59 -4.58 37.51 18.86
C LEU B 59 -5.44 38.02 17.74
N VAL B 60 -6.26 37.16 17.14
CA VAL B 60 -6.84 37.49 15.85
C VAL B 60 -8.33 37.14 15.67
N LEU B 61 -9.10 38.20 15.45
CA LEU B 61 -10.50 38.09 15.07
C LEU B 61 -10.70 37.24 13.81
N ALA B 62 -11.47 36.17 13.97
CA ALA B 62 -11.75 35.24 12.87
C ALA B 62 -13.24 34.90 12.86
N PHE B 63 -13.74 34.69 11.63
CA PHE B 63 -15.04 34.06 11.41
C PHE B 63 -15.43 32.89 12.35
N ASP B 64 -16.72 32.88 12.69
CA ASP B 64 -17.40 31.68 13.17
C ASP B 64 -17.41 30.69 12.01
N GLN B 65 -17.55 31.24 10.79
CA GLN B 65 -17.46 30.53 9.51
C GLN B 65 -17.28 31.48 8.32
N GLU B 75 -10.03 26.74 -8.59
CA GLU B 75 -9.40 27.63 -9.57
C GLU B 75 -8.81 28.92 -8.93
N GLY B 76 -9.56 29.51 -7.99
CA GLY B 76 -9.23 30.84 -7.48
C GLY B 76 -10.06 31.26 -6.28
N VAL B 77 -9.37 31.66 -5.22
CA VAL B 77 -9.89 31.71 -3.85
C VAL B 77 -10.40 33.13 -3.51
N LEU B 78 -11.32 33.26 -2.54
CA LEU B 78 -11.92 34.56 -2.16
C LEU B 78 -11.54 35.08 -0.77
N CYS B 79 -11.57 36.40 -0.60
CA CYS B 79 -11.39 37.10 0.68
C CYS B 79 -12.55 38.13 0.86
N LYS B 80 -12.50 39.03 1.85
CA LYS B 80 -13.63 39.92 2.16
C LYS B 80 -13.23 41.14 3.00
N ILE B 81 -13.21 42.35 2.40
CA ILE B 81 -12.89 43.58 3.14
C ILE B 81 -14.16 44.20 3.70
N PHE B 82 -14.03 44.85 4.86
CA PHE B 82 -15.08 45.66 5.47
C PHE B 82 -14.61 47.10 5.57
N ASP B 83 -15.58 48.03 5.51
CA ASP B 83 -15.31 49.46 5.67
C ASP B 83 -14.42 49.72 6.90
N LYS B 84 -14.97 49.44 8.08
CA LYS B 84 -14.31 49.70 9.36
C LYS B 84 -14.26 48.44 10.24
N TYR B 85 -13.68 48.57 11.44
CA TYR B 85 -13.57 47.47 12.44
C TYR B 85 -14.90 46.94 13.06
N GLU B 86 -16.00 47.67 12.87
CA GLU B 86 -17.28 47.44 13.56
C GLU B 86 -18.17 46.47 12.81
N ASP B 87 -18.45 46.80 11.53
CA ASP B 87 -19.36 46.05 10.63
C ASP B 87 -19.46 44.60 11.05
N THR B 88 -18.27 44.00 11.12
CA THR B 88 -18.05 42.57 11.21
C THR B 88 -18.65 41.84 12.43
N MET B 89 -18.71 42.51 13.58
CA MET B 89 -18.90 41.84 14.88
C MET B 89 -20.00 40.74 14.90
N LYS B 90 -21.02 40.89 14.02
CA LYS B 90 -21.99 39.84 13.63
C LYS B 90 -21.42 38.43 13.61
N GLU B 91 -20.44 38.28 12.73
CA GLU B 91 -20.11 37.01 12.11
C GLU B 91 -18.81 36.41 12.68
N CYS B 92 -18.18 37.14 13.59
CA CYS B 92 -16.80 36.89 14.01
C CYS B 92 -16.65 36.83 15.54
N ASN B 93 -17.33 35.86 16.15
CA ASN B 93 -17.30 35.69 17.61
C ASN B 93 -16.17 34.75 18.10
N THR B 94 -15.06 34.67 17.33
CA THR B 94 -13.92 33.74 17.59
C THR B 94 -12.51 34.31 17.32
N VAL B 95 -11.56 33.89 18.19
CA VAL B 95 -10.15 34.32 18.13
C VAL B 95 -9.12 33.16 17.89
N TYR B 96 -8.11 33.47 17.04
CA TYR B 96 -6.96 32.63 16.77
C TYR B 96 -5.69 33.28 17.27
N ILE B 97 -4.87 32.57 18.05
CA ILE B 97 -3.47 32.95 18.20
C ILE B 97 -2.66 32.38 17.02
N CYS B 98 -1.97 33.25 16.29
CA CYS B 98 -1.14 32.90 15.17
C CYS B 98 -0.27 34.05 14.82
N SER B 99 0.70 33.82 13.94
CA SER B 99 1.70 34.82 13.69
C SER B 99 1.08 35.86 12.73
N GLU B 100 1.57 37.10 12.82
CA GLU B 100 1.10 38.15 11.94
C GLU B 100 1.17 37.66 10.49
N ARG B 101 2.27 36.98 10.12
CA ARG B 101 2.41 36.55 8.73
C ARG B 101 1.29 35.59 8.31
N SER B 102 0.96 34.66 9.19
CA SER B 102 0.01 33.61 8.85
C SER B 102 -1.39 34.18 8.88
N ALA B 103 -1.60 35.19 9.72
CA ALA B 103 -2.88 35.90 9.77
C ALA B 103 -3.22 36.47 8.39
N TYR B 104 -2.23 37.08 7.73
CA TYR B 104 -2.45 37.59 6.36
C TYR B 104 -2.73 36.45 5.35
N ASN B 105 -2.09 35.27 5.43
CA ASN B 105 -2.49 34.12 4.54
C ASN B 105 -3.92 33.65 4.81
N MET B 106 -4.33 33.70 6.07
CA MET B 106 -5.66 33.27 6.43
C MET B 106 -6.64 34.32 5.87
N ALA B 107 -6.35 35.58 6.19
CA ALA B 107 -7.11 36.73 5.66
C ALA B 107 -7.31 36.72 4.14
N TYR B 108 -6.26 36.47 3.37
CA TYR B 108 -6.35 36.39 1.92
C TYR B 108 -6.95 35.02 1.41
N GLN B 109 -7.56 34.21 2.28
CA GLN B 109 -8.38 33.00 1.93
C GLN B 109 -9.73 33.05 2.65
N GLY B 110 -10.00 34.18 3.29
CA GLY B 110 -11.22 34.38 4.01
C GLY B 110 -11.37 33.33 5.06
N ILE B 111 -10.36 33.22 5.91
CA ILE B 111 -10.42 32.52 7.20
C ILE B 111 -10.58 33.57 8.32
N VAL B 112 -10.00 34.75 8.09
CA VAL B 112 -10.19 35.92 8.94
C VAL B 112 -10.54 37.17 8.07
N PRO B 113 -11.00 38.26 8.71
CA PRO B 113 -11.48 39.41 7.96
C PRO B 113 -10.44 40.55 7.80
N LEU B 114 -10.55 41.29 6.69
CA LEU B 114 -9.70 42.47 6.42
C LEU B 114 -10.45 43.82 6.62
N ILE B 115 -9.68 44.90 6.79
CA ILE B 115 -10.21 46.29 6.90
C ILE B 115 -9.53 47.30 5.91
N HIS B 116 -9.97 48.57 5.95
CA HIS B 116 -9.37 49.69 5.16
C HIS B 116 -8.73 50.74 6.09
N PRO B 128 -5.97 47.88 3.93
CA PRO B 128 -5.91 46.50 3.46
C PRO B 128 -5.26 45.62 4.51
N ARG B 129 -5.95 45.43 5.63
CA ARG B 129 -5.32 44.91 6.83
C ARG B 129 -6.16 44.07 7.84
N ILE B 130 -5.47 43.16 8.55
CA ILE B 130 -6.08 42.18 9.50
C ILE B 130 -6.59 42.85 10.78
N VAL B 131 -7.27 42.07 11.60
CA VAL B 131 -7.80 42.58 12.85
C VAL B 131 -7.12 41.93 14.07
N SER B 132 -5.95 42.48 14.42
CA SER B 132 -5.23 42.11 15.63
C SER B 132 -5.92 42.78 16.77
N LEU B 133 -6.22 42.01 17.81
CA LEU B 133 -6.72 42.54 19.09
C LEU B 133 -5.60 42.64 20.13
N GLY B 134 -4.33 42.69 19.72
CA GLY B 134 -3.20 42.52 20.65
C GLY B 134 -2.13 41.57 20.16
N LYS B 135 -1.14 41.35 21.02
CA LYS B 135 0.17 40.92 20.58
C LYS B 135 0.90 40.34 21.79
N VAL B 136 1.29 39.09 21.67
CA VAL B 136 1.76 38.37 22.84
C VAL B 136 3.03 37.57 22.50
N TYR B 137 4.00 37.64 23.41
CA TYR B 137 5.25 36.89 23.29
C TYR B 137 4.97 35.40 23.61
N GLY B 138 5.62 34.48 22.92
CA GLY B 138 5.32 33.06 23.14
C GLY B 138 5.48 32.64 24.59
N GLU B 139 6.61 33.03 25.17
CA GLU B 139 6.95 32.79 26.57
C GLU B 139 5.73 32.96 27.49
N GLN B 140 5.06 34.10 27.37
CA GLN B 140 3.90 34.40 28.20
C GLN B 140 2.77 33.36 28.18
N LEU B 141 2.68 32.58 27.11
CA LEU B 141 1.64 31.56 26.95
C LEU B 141 2.02 30.17 27.48
N ILE B 142 3.33 29.91 27.67
CA ILE B 142 3.84 28.64 28.18
C ILE B 142 3.04 28.31 29.43
N GLY B 143 2.28 27.23 29.37
CA GLY B 143 1.50 26.80 30.50
C GLY B 143 0.06 26.68 30.11
N THR B 144 -0.39 27.51 29.20
CA THR B 144 -1.79 27.55 28.86
C THR B 144 -2.37 26.18 28.75
N PRO B 145 -3.44 25.90 29.49
CA PRO B 145 -3.93 24.55 29.35
C PRO B 145 -4.78 24.58 28.10
N LEU B 146 -4.72 23.50 27.33
CA LEU B 146 -5.35 23.43 26.02
C LEU B 146 -6.10 22.17 25.91
N SER B 147 -7.25 22.31 25.28
CA SER B 147 -8.16 21.22 25.06
C SER B 147 -8.10 20.99 23.56
N ALA B 148 -7.45 19.88 23.23
CA ALA B 148 -7.02 19.55 21.89
C ALA B 148 -7.78 18.36 21.41
N PRO B 149 -8.06 18.28 20.11
CA PRO B 149 -8.87 17.18 19.63
C PRO B 149 -8.12 15.87 19.54
N MET B 150 -8.83 14.76 19.79
CA MET B 150 -8.43 13.37 19.49
C MET B 150 -7.46 12.70 20.46
N THR B 151 -6.65 13.52 21.12
CA THR B 151 -5.71 12.99 22.09
C THR B 151 -6.37 12.47 23.41
N PRO B 152 -6.11 11.22 23.79
CA PRO B 152 -6.59 10.85 25.14
C PRO B 152 -6.42 11.88 26.30
N TYR B 153 -5.41 12.73 26.30
CA TYR B 153 -5.21 13.65 27.41
C TYR B 153 -6.25 14.69 27.29
N SER B 154 -6.95 15.00 28.40
CA SER B 154 -8.00 16.01 28.39
C SER B 154 -7.40 17.43 28.25
N LEU B 155 -6.37 17.68 29.05
CA LEU B 155 -5.59 18.91 29.00
C LEU B 155 -4.21 18.57 28.44
N ILE B 156 -3.78 19.31 27.41
CA ILE B 156 -2.33 19.40 27.08
C ILE B 156 -1.93 20.88 27.14
N PHE B 157 -0.63 21.14 27.07
CA PHE B 157 -0.02 22.38 27.54
C PHE B 157 1.00 22.95 26.55
N ILE B 158 1.15 24.28 26.52
CA ILE B 158 2.07 24.96 25.62
C ILE B 158 3.45 24.91 26.24
N LEU B 159 4.39 24.35 25.51
CA LEU B 159 5.78 24.26 25.93
C LEU B 159 6.64 25.02 24.92
N PRO B 160 7.87 25.41 25.30
CA PRO B 160 8.80 26.11 24.40
C PRO B 160 9.63 25.19 23.47
N MET B 161 9.76 25.54 22.20
CA MET B 161 10.61 24.84 21.24
C MET B 161 11.45 25.92 20.57
N PHE B 162 12.75 25.73 20.52
CA PHE B 162 13.64 26.74 19.96
C PHE B 162 13.91 26.64 18.44
N SER B 163 13.49 25.54 17.82
CA SER B 163 13.71 25.30 16.39
C SER B 163 12.46 25.55 15.50
N ILE B 164 11.48 26.32 15.99
CA ILE B 164 10.36 26.73 15.15
C ILE B 164 10.87 27.81 14.17
N SER B 165 10.41 27.71 12.93
CA SER B 165 10.42 28.89 12.05
C SER B 165 9.15 29.76 12.19
N MET B 166 9.31 31.03 12.59
CA MET B 166 8.17 32.00 12.61
C MET B 166 7.51 32.15 11.27
N GLU B 167 8.29 31.94 10.20
CA GLU B 167 7.88 32.19 8.84
C GLU B 167 7.38 30.93 8.15
N LYS B 168 6.68 30.07 8.91
CA LYS B 168 6.13 28.78 8.45
C LYS B 168 4.88 28.46 9.25
N GLY B 169 3.85 27.97 8.58
CA GLY B 169 2.57 27.78 9.26
C GLY B 169 2.22 29.01 10.09
N THR B 170 2.05 28.84 11.38
CA THR B 170 1.59 29.90 12.27
C THR B 170 2.62 30.33 13.30
N GLY B 171 3.81 29.71 13.24
CA GLY B 171 4.76 29.81 14.35
C GLY B 171 4.39 29.00 15.59
N ILE B 172 3.28 28.24 15.52
CA ILE B 172 2.83 27.38 16.61
C ILE B 172 2.51 25.98 16.07
N VAL B 173 2.92 24.96 16.82
CA VAL B 173 3.17 23.66 16.23
C VAL B 173 2.70 22.60 17.22
N THR B 174 2.07 21.56 16.68
CA THR B 174 1.65 20.42 17.47
C THR B 174 2.82 19.49 17.87
N SER B 175 2.58 18.57 18.82
CA SER B 175 3.64 17.75 19.38
C SER B 175 3.20 16.33 19.54
N VAL B 176 3.85 15.41 18.87
CA VAL B 176 3.48 14.01 18.85
C VAL B 176 4.78 13.28 18.88
N PRO B 177 5.46 13.31 20.03
CA PRO B 177 6.78 12.75 20.14
C PRO B 177 6.91 11.28 19.88
N SER B 178 5.80 10.55 19.78
CA SER B 178 5.83 9.18 19.33
C SER B 178 6.26 9.07 17.88
N ASP B 179 5.85 10.06 17.07
CA ASP B 179 6.01 9.93 15.61
C ASP B 179 6.55 11.11 14.88
N SER B 180 7.26 12.03 15.57
CA SER B 180 7.89 13.21 15.00
C SER B 180 9.22 13.35 15.68
N PRO B 181 10.30 13.06 14.97
CA PRO B 181 11.62 13.23 15.55
C PRO B 181 11.83 14.56 16.19
N ASP B 182 11.31 15.61 15.58
CA ASP B 182 11.49 16.96 16.11
C ASP B 182 10.93 17.11 17.53
N ASP B 183 9.67 16.68 17.64
CA ASP B 183 8.87 16.77 18.86
C ASP B 183 9.54 15.87 19.89
N TYR B 184 9.96 14.69 19.46
CA TYR B 184 10.67 13.85 20.37
C TYR B 184 11.90 14.51 20.93
N ALA B 185 12.67 15.15 20.06
CA ALA B 185 13.94 15.72 20.48
C ALA B 185 13.72 16.93 21.31
N ALA B 186 12.71 17.72 20.97
CA ALA B 186 12.41 18.88 21.79
C ALA B 186 11.92 18.54 23.22
N LEU B 187 11.17 17.43 23.36
CA LEU B 187 10.64 17.06 24.67
C LEU B 187 11.73 16.52 25.58
N ARG B 188 12.62 15.77 24.98
CA ARG B 188 13.76 15.21 25.69
C ARG B 188 14.71 16.29 26.11
N ASP B 189 14.75 17.38 25.36
CA ASP B 189 15.59 18.47 25.77
C ASP B 189 15.03 19.00 27.07
N ILE B 190 13.71 19.16 27.12
CA ILE B 190 13.05 19.60 28.34
C ILE B 190 13.15 18.60 29.50
N LYS B 191 12.98 17.33 29.20
CA LYS B 191 13.13 16.32 30.25
C LYS B 191 14.52 16.16 30.81
N THR B 192 15.58 16.77 30.22
CA THR B 192 16.99 16.46 30.63
C THR B 192 17.88 17.64 30.95
N LYS B 193 17.30 18.85 30.91
CA LYS B 193 18.03 20.07 31.24
C LYS B 193 17.28 20.83 32.34
N PRO B 194 17.63 20.58 33.62
CA PRO B 194 17.00 21.27 34.75
C PRO B 194 17.01 22.74 34.55
N LEU B 195 18.16 23.27 34.13
CA LEU B 195 18.34 24.73 33.97
C LEU B 195 17.33 25.38 33.00
N LEU B 196 16.82 24.59 32.07
CA LEU B 196 15.86 25.04 31.04
C LEU B 196 14.47 25.10 31.62
N ARG B 197 14.07 23.99 32.23
CA ARG B 197 12.81 23.92 32.97
C ARG B 197 12.79 25.01 34.04
N GLU B 198 13.88 25.14 34.80
CA GLU B 198 14.03 26.30 35.68
C GLU B 198 13.65 27.59 34.93
N LYS B 199 14.33 27.85 33.82
CA LYS B 199 14.26 29.13 33.12
C LYS B 199 12.89 29.55 32.59
N TYR B 200 12.02 28.62 32.23
CA TYR B 200 10.65 29.03 31.81
C TYR B 200 9.57 28.74 32.86
N SER B 201 9.95 28.00 33.92
CA SER B 201 9.09 27.69 35.09
C SER B 201 8.17 26.61 34.63
N ILE B 202 8.77 25.56 34.12
CA ILE B 202 8.02 24.46 33.58
C ILE B 202 7.71 23.50 34.72
N LYS B 203 6.55 22.89 34.64
CA LYS B 203 6.08 22.00 35.66
C LYS B 203 5.89 20.59 35.16
N ASP B 204 6.15 19.61 36.01
CA ASP B 204 6.03 18.19 35.64
C ASP B 204 4.65 17.84 35.04
N GLU B 205 3.60 18.50 35.51
CA GLU B 205 2.23 18.22 35.06
C GLU B 205 1.99 18.67 33.62
N TRP B 206 2.85 19.56 33.10
CA TRP B 206 2.81 20.03 31.69
C TRP B 206 3.51 19.11 30.63
N ILE B 207 4.37 18.25 31.16
CA ILE B 207 5.28 17.39 30.45
C ILE B 207 4.70 15.97 30.42
N LEU B 208 3.92 15.66 29.41
CA LEU B 208 3.30 14.33 29.28
C LEU B 208 4.09 13.38 28.39
N ASP B 209 3.99 12.10 28.68
CA ASP B 209 4.73 11.09 27.99
C ASP B 209 4.13 10.74 26.59
N PRO B 210 5.00 10.35 25.67
CA PRO B 210 4.51 9.98 24.36
C PRO B 210 3.41 8.92 24.38
N LEU B 211 2.42 9.04 23.50
CA LEU B 211 1.40 8.02 23.31
C LEU B 211 1.60 7.09 22.11
N GLU B 212 1.54 5.77 22.31
CA GLU B 212 1.48 4.84 21.19
C GLU B 212 0.23 5.00 20.34
N ILE B 213 0.38 5.51 19.11
CA ILE B 213 -0.71 5.63 18.11
C ILE B 213 -0.55 4.83 16.82
N ILE B 214 0.68 4.49 16.42
CA ILE B 214 0.95 3.93 15.10
C ILE B 214 1.98 2.85 15.17
N GLU B 215 1.74 1.82 14.39
CA GLU B 215 2.55 0.65 14.44
C GLU B 215 3.21 0.55 13.07
N VAL B 216 4.52 0.67 13.10
CA VAL B 216 5.30 0.71 11.90
C VAL B 216 6.19 -0.51 11.86
N PRO B 217 6.06 -1.36 10.82
CA PRO B 217 6.90 -2.57 10.70
C PRO B 217 8.36 -2.24 10.81
N GLY B 218 9.07 -2.97 11.65
CA GLY B 218 10.48 -2.76 11.94
C GLY B 218 10.76 -1.70 12.98
N PHE B 219 9.74 -1.01 13.46
CA PHE B 219 9.96 0.02 14.47
C PHE B 219 9.11 -0.12 15.72
N GLY B 220 7.99 -0.80 15.67
CA GLY B 220 7.05 -0.73 16.79
C GLY B 220 6.27 0.55 16.87
N PHE B 221 6.16 1.11 18.07
CA PHE B 221 5.16 2.15 18.35
C PHE B 221 5.81 3.43 18.71
N MET B 222 7.11 3.49 18.53
CA MET B 222 7.88 4.66 18.94
C MET B 222 8.98 4.82 17.92
N THR B 223 8.52 5.04 16.69
CA THR B 223 9.35 5.27 15.55
C THR B 223 10.19 6.54 15.70
N ALA B 224 9.65 7.56 16.29
CA ALA B 224 10.42 8.77 16.45
C ALA B 224 11.64 8.57 17.29
N GLU B 225 11.50 7.83 18.35
CA GLU B 225 12.64 7.57 19.25
C GLU B 225 13.73 6.76 18.52
N LEU B 226 13.29 5.70 17.85
CA LEU B 226 14.26 4.85 17.17
C LEU B 226 15.01 5.63 16.09
N LEU B 227 14.33 6.59 15.44
CA LEU B 227 14.98 7.42 14.46
C LEU B 227 15.91 8.40 15.09
N CYS B 228 15.53 9.07 16.15
CA CYS B 228 16.53 9.88 16.83
C CYS B 228 17.81 9.14 17.20
N ASN B 229 17.68 7.86 17.58
CA ASN B 229 18.83 7.04 17.94
C ASN B 229 19.64 6.62 16.73
N GLN B 230 18.93 6.27 15.66
CA GLN B 230 19.54 5.73 14.43
C GLN B 230 20.35 6.83 13.69
N TYR B 231 19.90 8.09 13.79
CA TYR B 231 20.55 9.24 13.16
C TYR B 231 21.43 10.04 14.12
N LYS B 232 21.71 9.47 15.29
CA LYS B 232 22.50 10.05 16.38
C LYS B 232 22.09 11.48 16.76
N ILE B 233 20.79 11.72 16.75
CA ILE B 233 20.23 13.01 17.11
C ILE B 233 20.27 13.15 18.63
N GLN B 234 20.74 14.27 19.10
CA GLN B 234 20.89 14.50 20.50
C GLN B 234 20.23 15.76 20.94
N SER B 235 19.73 16.56 20.00
CA SER B 235 19.29 17.94 20.29
C SER B 235 18.24 18.33 19.29
N GLN B 236 17.22 19.05 19.71
CA GLN B 236 16.27 19.69 18.77
C GLN B 236 16.87 20.56 17.67
N ASN B 237 18.11 21.03 17.89
CA ASN B 237 18.93 21.77 16.94
C ASN B 237 19.79 20.97 15.97
N ASP B 238 19.74 19.63 15.97
CA ASP B 238 20.37 18.86 14.90
C ASP B 238 19.51 18.81 13.65
N SER B 239 19.29 19.98 13.06
CA SER B 239 18.37 20.16 11.91
C SER B 239 18.68 19.29 10.71
N ALA B 240 19.96 19.06 10.45
CA ALA B 240 20.36 18.22 9.35
C ALA B 240 19.86 16.80 9.51
N LYS B 241 20.31 16.18 10.62
CA LYS B 241 19.93 14.81 11.00
C LYS B 241 18.42 14.66 11.15
N LEU B 242 17.73 15.67 11.67
CA LEU B 242 16.27 15.70 11.73
C LEU B 242 15.57 15.79 10.43
N LYS B 243 16.16 16.49 9.49
CA LYS B 243 15.58 16.55 8.13
C LYS B 243 15.59 15.17 7.47
N GLN B 244 16.67 14.43 7.71
CA GLN B 244 16.82 13.12 7.12
C GLN B 244 15.83 12.16 7.75
N ALA B 245 15.76 12.21 9.08
CA ALA B 245 14.82 11.40 9.85
C ALA B 245 13.41 11.64 9.41
N LYS B 246 13.02 12.89 9.24
CA LYS B 246 11.70 13.15 8.74
C LYS B 246 11.49 12.53 7.36
N GLU B 247 12.49 12.45 6.48
CA GLU B 247 12.24 11.94 5.09
C GLU B 247 12.02 10.49 5.05
N GLU B 248 12.89 9.73 5.71
CA GLU B 248 12.67 8.28 5.88
C GLU B 248 11.33 7.97 6.56
N ILE B 249 11.05 8.64 7.69
CA ILE B 249 9.82 8.32 8.41
C ILE B 249 8.63 8.53 7.43
N TYR B 250 8.23 9.78 7.17
CA TYR B 250 7.02 10.12 6.41
C TYR B 250 6.59 9.06 5.39
N LYS B 251 7.44 8.70 4.47
CA LYS B 251 7.01 7.77 3.45
C LYS B 251 6.72 6.39 4.01
N LYS B 252 7.53 5.96 4.98
CA LYS B 252 7.44 4.60 5.60
C LYS B 252 6.06 4.50 6.25
N GLU B 253 5.79 5.49 7.09
CA GLU B 253 4.57 5.49 7.82
C GLU B 253 3.35 5.55 6.96
N PHE B 254 3.33 6.49 6.00
CA PHE B 254 2.22 6.65 5.05
C PHE B 254 1.81 5.35 4.41
N TYR B 255 2.77 4.63 3.88
CA TYR B 255 2.41 3.46 3.13
C TYR B 255 2.37 2.19 3.99
N GLU B 256 3.06 2.20 5.14
CA GLU B 256 3.19 0.97 5.94
C GLU B 256 2.60 1.05 7.36
N GLY B 257 2.40 2.25 7.86
CA GLY B 257 2.09 2.45 9.26
C GLY B 257 0.65 2.09 9.52
N ILE B 258 0.42 1.24 10.54
CA ILE B 258 -0.95 0.89 10.95
C ILE B 258 -1.40 1.71 12.16
N LEU B 259 -2.56 2.39 12.04
CA LEU B 259 -3.12 3.12 13.17
C LEU B 259 -3.62 2.14 14.22
N ILE B 260 -3.44 2.52 15.47
CA ILE B 260 -3.93 1.72 16.60
C ILE B 260 -4.67 2.56 17.66
N ARG B 261 -5.26 3.65 17.23
CA ARG B 261 -6.08 4.43 18.08
C ARG B 261 -7.06 5.11 17.15
N GLY B 262 -8.21 5.42 17.74
CA GLY B 262 -9.27 6.12 17.06
C GLY B 262 -10.14 5.17 16.32
N LYS B 263 -11.15 5.78 15.68
CA LYS B 263 -12.17 5.08 14.95
C LYS B 263 -11.66 4.35 13.72
N TYR B 264 -10.43 4.60 13.30
CA TYR B 264 -9.94 4.00 12.06
C TYR B 264 -8.84 3.00 12.33
N SER B 265 -8.69 2.60 13.61
CA SER B 265 -7.69 1.59 14.03
C SER B 265 -7.66 0.37 13.15
N GLY B 266 -6.45 -0.15 12.94
CA GLY B 266 -6.20 -1.32 12.07
C GLY B 266 -6.02 -1.04 10.58
N MET B 267 -6.39 0.14 10.10
CA MET B 267 -6.15 0.52 8.72
C MET B 267 -4.75 1.10 8.54
N LYS B 268 -4.30 1.12 7.28
CA LYS B 268 -3.03 1.72 6.92
C LYS B 268 -3.31 3.19 6.81
N ILE B 269 -2.31 4.00 7.12
CA ILE B 269 -2.47 5.46 7.06
C ILE B 269 -2.88 5.98 5.67
N CYS B 270 -2.42 5.36 4.59
CA CYS B 270 -2.81 5.82 3.29
C CYS B 270 -4.29 5.55 3.03
N ASP B 271 -4.83 4.44 3.54
CA ASP B 271 -6.28 4.19 3.41
C ASP B 271 -7.13 5.15 4.30
N ALA B 272 -6.57 5.66 5.39
CA ALA B 272 -7.34 6.35 6.42
C ALA B 272 -7.08 7.82 6.64
N LYS B 273 -5.97 8.34 6.14
CA LYS B 273 -5.59 9.72 6.42
C LYS B 273 -6.63 10.65 5.92
N GLU B 274 -7.09 10.42 4.69
CA GLU B 274 -8.05 11.32 4.05
C GLU B 274 -9.38 11.45 4.83
N LEU B 275 -9.91 10.33 5.29
CA LEU B 275 -11.14 10.32 6.10
C LEU B 275 -10.94 11.09 7.41
N ILE B 276 -9.85 10.78 8.11
CA ILE B 276 -9.52 11.48 9.36
C ILE B 276 -9.55 12.97 9.11
N ARG B 277 -9.06 13.42 7.95
CA ARG B 277 -8.98 14.85 7.67
C ARG B 277 -10.32 15.54 7.53
N GLU B 278 -11.22 14.90 6.78
CA GLU B 278 -12.60 15.42 6.61
C GLU B 278 -13.35 15.39 7.95
N SER B 279 -13.38 14.23 8.59
CA SER B 279 -13.97 14.13 9.94
C SER B 279 -13.60 15.30 10.90
N LEU B 280 -12.35 15.78 10.84
CA LEU B 280 -11.92 16.93 11.65
C LEU B 280 -12.55 18.23 11.19
N ILE B 281 -12.72 18.32 9.88
CA ILE B 281 -13.27 19.50 9.25
C ILE B 281 -14.79 19.59 9.46
N LYS B 282 -15.51 18.50 9.20
CA LYS B 282 -16.96 18.40 9.49
C LYS B 282 -17.28 18.66 10.96
N ASP B 283 -16.36 18.38 11.87
CA ASP B 283 -16.50 18.69 13.33
C ASP B 283 -16.03 20.07 13.81
N GLY B 284 -15.50 20.90 12.91
CA GLY B 284 -14.93 22.21 13.31
C GLY B 284 -13.72 22.15 14.23
N TYR B 285 -12.95 21.07 14.08
CA TYR B 285 -11.68 20.90 14.74
C TYR B 285 -10.53 21.38 13.86
N ALA B 286 -10.74 21.37 12.52
CA ALA B 286 -9.75 21.89 11.59
C ALA B 286 -10.35 22.68 10.42
N LEU B 287 -9.53 23.57 9.90
CA LEU B 287 -9.77 24.29 8.68
C LEU B 287 -8.76 23.85 7.63
N ILE B 288 -9.14 23.85 6.36
CA ILE B 288 -8.25 23.68 5.24
C ILE B 288 -7.44 24.97 5.19
N TYR B 289 -6.12 24.93 5.34
CA TYR B 289 -5.26 26.10 5.17
C TYR B 289 -4.25 25.81 4.05
N LEU B 290 -4.02 26.83 3.23
CA LEU B 290 -3.24 26.76 2.02
C LEU B 290 -2.01 27.69 2.14
N GLU B 291 -0.85 27.21 1.73
CA GLU B 291 0.41 27.95 1.88
C GLU B 291 1.43 27.29 0.95
N GLN C 6 -16.39 -28.38 31.52
CA GLN C 6 -16.58 -27.09 30.79
C GLN C 6 -15.25 -26.46 30.27
N GLU C 7 -15.19 -26.25 28.96
CA GLU C 7 -13.96 -25.90 28.22
C GLU C 7 -13.91 -24.39 27.99
N TYR C 8 -12.77 -23.78 28.32
CA TYR C 8 -12.58 -22.33 28.17
C TYR C 8 -11.47 -22.09 27.17
N THR C 9 -11.42 -20.85 26.66
CA THR C 9 -10.31 -20.39 25.84
C THR C 9 -9.48 -19.49 26.74
N LEU C 10 -8.22 -19.86 26.90
CA LEU C 10 -7.30 -19.15 27.79
C LEU C 10 -6.51 -18.17 26.97
N ILE C 11 -6.84 -16.90 27.12
CA ILE C 11 -6.23 -15.88 26.28
C ILE C 11 -4.86 -15.49 26.80
N LYS C 12 -3.89 -15.30 25.90
CA LYS C 12 -2.57 -14.79 26.29
C LYS C 12 -2.32 -13.35 25.88
N LEU C 13 -2.06 -12.52 26.87
CA LEU C 13 -1.83 -11.11 26.63
C LEU C 13 -0.42 -10.75 27.12
N LYS C 14 0.49 -10.51 26.17
CA LYS C 14 1.92 -10.37 26.50
C LYS C 14 2.13 -9.06 27.15
N ILE C 15 2.68 -9.05 28.35
CA ILE C 15 3.06 -7.81 28.99
C ILE C 15 4.11 -7.07 28.14
N HIS C 16 3.71 -5.97 27.52
CA HIS C 16 4.56 -5.11 26.67
C HIS C 16 5.69 -4.43 27.43
N LEU C 17 5.41 -4.09 28.69
CA LEU C 17 6.40 -3.40 29.50
C LEU C 17 6.29 -3.85 30.94
N ILE C 18 7.33 -4.51 31.41
CA ILE C 18 7.35 -5.23 32.67
C ILE C 18 7.68 -4.23 33.78
N PRO C 19 6.82 -4.12 34.80
CA PRO C 19 7.02 -3.12 35.88
C PRO C 19 8.26 -3.35 36.73
N GLU C 20 8.93 -2.28 37.12
CA GLU C 20 10.26 -2.44 37.75
C GLU C 20 10.23 -3.21 39.09
N PHE C 21 9.10 -3.19 39.79
CA PHE C 21 8.96 -4.04 40.96
C PHE C 21 8.99 -5.54 40.63
N LEU C 22 8.54 -5.94 39.45
CA LEU C 22 8.74 -7.32 38.96
C LEU C 22 10.02 -7.59 38.16
N GLY C 23 10.87 -6.58 37.95
CA GLY C 23 12.08 -6.72 37.14
C GLY C 23 12.92 -7.80 37.77
N SER C 24 13.31 -7.55 39.01
CA SER C 24 13.95 -8.52 39.92
C SER C 24 13.57 -10.02 39.72
N ILE C 25 12.27 -10.26 39.65
CA ILE C 25 11.67 -11.58 39.83
C ILE C 25 11.47 -12.32 38.50
N VAL C 26 11.43 -11.59 37.41
CA VAL C 26 11.05 -12.18 36.12
C VAL C 26 12.27 -12.59 35.25
N LYS C 27 13.45 -12.02 35.49
CA LYS C 27 14.71 -12.39 34.77
C LYS C 27 14.57 -12.29 33.25
N GLY C 28 13.88 -11.26 32.76
CA GLY C 28 13.70 -11.11 31.31
C GLY C 28 13.05 -12.29 30.60
N ARG C 29 12.24 -13.07 31.32
CA ARG C 29 11.39 -14.08 30.68
C ARG C 29 10.21 -13.38 30.05
N GLU C 30 9.55 -14.07 29.14
CA GLU C 30 8.43 -13.56 28.39
C GLU C 30 7.21 -13.79 29.29
N VAL C 31 6.45 -12.75 29.59
CA VAL C 31 5.35 -12.86 30.56
C VAL C 31 3.99 -12.52 29.96
N PHE C 32 2.99 -13.34 30.23
CA PHE C 32 1.64 -13.09 29.77
C PHE C 32 0.67 -13.04 30.94
N VAL C 33 -0.31 -12.15 30.82
CA VAL C 33 -1.51 -12.22 31.63
C VAL C 33 -2.40 -13.16 30.85
N VAL C 34 -3.17 -13.94 31.62
CA VAL C 34 -3.99 -14.99 31.08
C VAL C 34 -5.40 -14.87 31.64
N CYS C 35 -6.38 -15.07 30.76
CA CYS C 35 -7.79 -14.80 31.06
C CYS C 35 -8.63 -15.85 30.36
N ALA C 36 -9.51 -16.48 31.14
CA ALA C 36 -10.43 -17.48 30.64
C ALA C 36 -11.63 -16.81 30.01
N THR C 37 -11.81 -16.98 28.69
CA THR C 37 -13.05 -16.55 28.03
C THR C 37 -13.76 -17.76 27.43
N LEU C 38 -15.10 -17.76 27.54
CA LEU C 38 -15.98 -18.57 26.66
C LEU C 38 -16.36 -17.89 25.33
N ARG C 39 -15.83 -16.70 25.06
CA ARG C 39 -16.14 -15.96 23.79
C ARG C 39 -14.85 -15.51 23.04
N PRO C 40 -14.08 -16.50 22.52
CA PRO C 40 -13.05 -16.17 21.54
C PRO C 40 -13.56 -15.20 20.49
N GLU C 41 -14.74 -15.43 19.92
CA GLU C 41 -15.31 -14.55 18.90
C GLU C 41 -15.13 -13.06 19.18
N THR C 42 -15.23 -12.66 20.45
CA THR C 42 -15.30 -11.22 20.90
C THR C 42 -14.01 -10.44 21.10
N MET C 43 -12.85 -11.03 20.77
CA MET C 43 -11.51 -10.48 21.10
C MET C 43 -11.03 -9.32 20.17
N TYR C 44 -11.59 -9.25 18.94
CA TYR C 44 -11.48 -8.02 18.12
C TYR C 44 -11.89 -6.77 18.92
N GLY C 45 -12.79 -6.89 19.91
CA GLY C 45 -13.24 -5.73 20.68
C GLY C 45 -12.52 -5.34 22.00
N GLN C 46 -11.28 -5.78 22.20
CA GLN C 46 -10.68 -5.50 23.51
C GLN C 46 -10.23 -4.04 23.64
N THR C 47 -10.83 -3.35 24.57
CA THR C 47 -10.43 -2.04 24.97
C THR C 47 -9.36 -2.11 26.05
N ASN C 48 -9.45 -3.16 26.88
CA ASN C 48 -8.60 -3.27 28.09
C ASN C 48 -8.64 -4.68 28.73
N CYS C 49 -8.26 -4.68 30.00
CA CYS C 49 -8.16 -5.84 30.81
C CYS C 49 -8.53 -5.43 32.23
N TRP C 50 -9.24 -6.38 32.88
CA TRP C 50 -9.82 -6.31 34.21
C TRP C 50 -9.14 -7.23 35.29
N ILE C 51 -8.60 -6.62 36.34
CA ILE C 51 -8.06 -7.30 37.50
C ILE C 51 -8.79 -6.82 38.78
N LEU C 52 -9.07 -7.70 39.75
CA LEU C 52 -9.59 -7.28 41.03
C LEU C 52 -8.45 -6.68 41.86
N PRO C 53 -8.61 -5.44 42.34
CA PRO C 53 -7.50 -4.71 43.05
C PRO C 53 -6.91 -5.41 44.26
N ASP C 54 -7.78 -6.02 45.07
CA ASP C 54 -7.45 -6.66 46.39
C ASP C 54 -7.24 -8.22 46.30
N GLY C 55 -7.46 -8.81 45.13
CA GLY C 55 -7.07 -10.18 44.87
C GLY C 55 -5.57 -10.35 44.79
N GLU C 56 -5.13 -11.52 45.23
CA GLU C 56 -3.71 -11.90 45.20
C GLU C 56 -3.50 -12.85 44.03
N TYR C 57 -2.47 -12.57 43.23
CA TYR C 57 -2.13 -13.34 42.03
C TYR C 57 -0.68 -13.86 42.12
N ASP C 58 -0.42 -15.05 41.60
CA ASP C 58 0.95 -15.56 41.55
C ASP C 58 1.50 -15.38 40.16
N LEU C 59 2.81 -15.20 40.09
CA LEU C 59 3.54 -15.28 38.85
C LEU C 59 3.98 -16.72 38.78
N VAL C 60 3.68 -17.37 37.66
CA VAL C 60 3.79 -18.82 37.56
C VAL C 60 4.58 -19.28 36.35
N LEU C 61 5.67 -20.00 36.59
CA LEU C 61 6.54 -20.52 35.51
C LEU C 61 5.76 -21.54 34.69
N ALA C 62 5.92 -21.51 33.36
CA ALA C 62 5.03 -22.23 32.43
C ALA C 62 5.79 -22.77 31.25
N PHE C 63 5.26 -23.84 30.64
CA PHE C 63 5.92 -24.46 29.49
C PHE C 63 5.90 -23.56 28.27
N ASP C 64 6.91 -23.70 27.42
CA ASP C 64 6.90 -23.07 26.10
C ASP C 64 6.10 -23.92 25.11
N GLN C 65 5.77 -25.18 25.44
CA GLN C 65 4.79 -26.01 24.69
C GLN C 65 4.03 -27.05 25.55
N VAL C 77 -5.49 -36.52 29.69
CA VAL C 77 -4.90 -35.36 30.36
C VAL C 77 -3.44 -35.67 30.68
N LEU C 78 -2.54 -34.77 30.31
CA LEU C 78 -1.11 -34.92 30.61
C LEU C 78 -0.59 -33.79 31.50
N CYS C 79 0.58 -34.04 32.11
CA CYS C 79 1.19 -33.17 33.14
C CYS C 79 2.53 -33.77 33.54
N LYS C 80 3.44 -32.98 34.12
CA LYS C 80 4.87 -33.34 34.16
C LYS C 80 5.65 -32.76 35.36
N ILE C 81 6.42 -33.62 36.04
CA ILE C 81 7.12 -33.25 37.29
C ILE C 81 8.65 -33.31 37.13
N PHE C 82 9.31 -32.43 37.88
CA PHE C 82 10.76 -32.23 37.86
C PHE C 82 11.29 -32.38 39.30
N ASP C 83 12.60 -32.58 39.49
CA ASP C 83 13.09 -32.82 40.85
C ASP C 83 12.97 -31.57 41.73
N LYS C 84 13.50 -30.44 41.25
CA LYS C 84 13.21 -29.10 41.86
C LYS C 84 13.26 -27.98 40.79
N TYR C 85 13.05 -26.73 41.22
CA TYR C 85 13.05 -25.54 40.31
C TYR C 85 14.08 -25.57 39.16
N GLU C 86 15.34 -25.89 39.44
CA GLU C 86 16.44 -25.71 38.46
C GLU C 86 16.40 -26.64 37.23
N ASP C 87 15.68 -27.75 37.33
CA ASP C 87 15.52 -28.67 36.20
C ASP C 87 14.50 -28.13 35.19
N THR C 88 13.71 -27.15 35.62
CA THR C 88 12.66 -26.59 34.79
C THR C 88 13.12 -25.80 33.57
N MET C 89 14.28 -25.16 33.69
CA MET C 89 14.59 -23.95 32.93
C MET C 89 14.97 -24.16 31.45
N LYS C 90 15.21 -25.39 31.03
CA LYS C 90 15.45 -25.68 29.60
C LYS C 90 14.18 -25.52 28.78
N GLU C 91 13.05 -25.94 29.34
CA GLU C 91 11.77 -26.03 28.64
C GLU C 91 10.70 -25.10 29.27
N CYS C 92 11.16 -24.14 30.10
CA CYS C 92 10.29 -23.15 30.76
C CYS C 92 10.92 -21.75 30.85
N ASN C 93 10.57 -20.89 29.90
CA ASN C 93 11.04 -19.52 29.86
C ASN C 93 9.88 -18.53 29.71
N THR C 94 8.69 -18.98 30.10
CA THR C 94 7.45 -18.22 30.01
C THR C 94 6.75 -18.22 31.36
N VAL C 95 6.34 -17.03 31.81
CA VAL C 95 5.59 -16.81 33.05
C VAL C 95 4.13 -16.40 32.72
N TYR C 96 3.17 -16.87 33.52
CA TYR C 96 1.78 -16.51 33.39
C TYR C 96 1.29 -15.91 34.72
N ILE C 97 0.72 -14.69 34.67
CA ILE C 97 0.06 -14.08 35.85
C ILE C 97 -1.41 -14.58 35.95
N CYS C 98 -1.85 -14.92 37.18
CA CYS C 98 -3.11 -15.67 37.51
C CYS C 98 -3.21 -16.13 39.00
N SER C 99 -4.40 -16.54 39.36
CA SER C 99 -4.69 -17.00 40.71
C SER C 99 -4.01 -18.34 40.93
N GLU C 100 -3.59 -18.58 42.17
CA GLU C 100 -2.98 -19.85 42.56
C GLU C 100 -3.88 -21.02 42.15
N ARG C 101 -5.18 -20.82 42.31
CA ARG C 101 -6.21 -21.79 41.91
C ARG C 101 -6.12 -22.15 40.44
N SER C 102 -6.08 -21.14 39.59
CA SER C 102 -6.13 -21.39 38.15
C SER C 102 -4.89 -22.20 37.76
N ALA C 103 -3.77 -21.85 38.38
CA ALA C 103 -2.52 -22.49 38.11
C ALA C 103 -2.52 -24.00 38.40
N TYR C 104 -3.07 -24.43 39.54
CA TYR C 104 -3.12 -25.87 39.86
C TYR C 104 -3.86 -26.65 38.77
N ASN C 105 -4.91 -26.07 38.17
CA ASN C 105 -5.59 -26.74 37.04
C ASN C 105 -4.66 -26.75 35.84
N MET C 106 -4.08 -25.60 35.57
CA MET C 106 -3.18 -25.46 34.44
C MET C 106 -2.12 -26.54 34.52
N ALA C 107 -1.61 -26.79 35.73
CA ALA C 107 -0.55 -27.83 35.92
C ALA C 107 -1.00 -29.27 35.64
N TYR C 108 -2.20 -29.58 36.13
CA TYR C 108 -2.89 -30.86 35.90
C TYR C 108 -3.58 -30.94 34.51
N GLN C 109 -3.15 -30.05 33.59
CA GLN C 109 -3.54 -30.08 32.18
C GLN C 109 -2.38 -29.94 31.18
N GLY C 110 -1.14 -30.14 31.64
CA GLY C 110 0.02 -30.12 30.75
C GLY C 110 0.62 -28.76 30.45
N ILE C 111 0.10 -27.70 31.11
CA ILE C 111 0.37 -26.28 30.76
C ILE C 111 1.51 -25.68 31.61
N VAL C 112 1.54 -26.04 32.90
CA VAL C 112 2.63 -25.59 33.77
C VAL C 112 3.21 -26.73 34.58
N PRO C 113 4.48 -26.60 34.96
CA PRO C 113 5.16 -27.72 35.61
C PRO C 113 4.92 -27.78 37.10
N LEU C 114 5.11 -29.00 37.63
CA LEU C 114 5.10 -29.31 39.06
C LEU C 114 6.51 -29.67 39.59
N ILE C 115 6.70 -29.55 40.90
CA ILE C 115 8.01 -29.77 41.59
C ILE C 115 7.87 -30.70 42.82
N HIS C 116 8.53 -31.87 42.75
CA HIS C 116 8.50 -32.88 43.81
C HIS C 116 8.65 -32.24 45.19
N PRO C 128 3.44 -32.00 45.74
CA PRO C 128 3.41 -31.68 44.32
C PRO C 128 2.85 -30.25 44.11
N ARG C 129 3.81 -29.33 43.90
CA ARG C 129 3.58 -27.89 43.91
C ARG C 129 3.74 -27.25 42.52
N ILE C 130 3.13 -26.09 42.32
CA ILE C 130 3.45 -25.25 41.15
C ILE C 130 4.78 -24.52 41.38
N VAL C 131 5.31 -23.90 40.35
CA VAL C 131 6.50 -23.04 40.51
C VAL C 131 6.03 -21.57 40.52
N SER C 132 5.86 -21.00 41.71
CA SER C 132 5.37 -19.65 41.97
C SER C 132 6.54 -18.72 42.24
N LEU C 133 6.75 -17.73 41.37
CA LEU C 133 7.91 -16.85 41.50
C LEU C 133 7.68 -15.69 42.46
N GLY C 134 6.42 -15.51 42.90
CA GLY C 134 6.04 -14.42 43.81
C GLY C 134 4.54 -14.20 43.81
N LYS C 135 4.10 -13.31 44.71
CA LYS C 135 2.70 -12.93 44.86
C LYS C 135 2.51 -11.46 44.48
N VAL C 136 1.34 -11.10 43.99
CA VAL C 136 1.07 -9.71 43.63
C VAL C 136 -0.40 -9.36 43.79
N TYR C 137 -0.65 -8.18 44.35
CA TYR C 137 -2.01 -7.63 44.53
C TYR C 137 -2.38 -6.98 43.21
N GLY C 138 -3.62 -7.22 42.73
CA GLY C 138 -4.08 -6.71 41.38
C GLY C 138 -3.94 -5.21 41.15
N GLU C 139 -4.17 -4.43 42.22
CA GLU C 139 -3.88 -2.99 42.27
C GLU C 139 -2.46 -2.61 41.85
N GLN C 140 -1.50 -3.46 42.18
CA GLN C 140 -0.08 -3.24 41.77
C GLN C 140 0.07 -3.31 40.24
N LEU C 141 -0.83 -4.07 39.57
CA LEU C 141 -0.79 -4.26 38.12
C LEU C 141 -1.59 -3.29 37.29
N ILE C 142 -2.42 -2.47 37.93
CA ILE C 142 -3.16 -1.39 37.25
C ILE C 142 -2.23 -0.49 36.45
N GLY C 143 -2.59 -0.23 35.18
CA GLY C 143 -1.77 0.62 34.29
C GLY C 143 -0.73 -0.09 33.41
N THR C 144 -0.67 -1.40 33.54
CA THR C 144 0.26 -2.19 32.80
C THR C 144 -0.21 -2.41 31.33
N PRO C 145 0.64 -2.06 30.37
CA PRO C 145 0.30 -2.20 28.98
C PRO C 145 0.48 -3.63 28.51
N LEU C 146 -0.43 -4.11 27.67
CA LEU C 146 -0.42 -5.50 27.24
C LEU C 146 -0.61 -5.56 25.77
N SER C 147 0.24 -6.34 25.11
CA SER C 147 0.13 -6.53 23.69
C SER C 147 -0.93 -7.58 23.50
N ALA C 148 -2.02 -7.22 22.85
CA ALA C 148 -3.17 -8.12 22.75
C ALA C 148 -3.38 -8.66 21.34
N PRO C 149 -3.98 -9.86 21.25
CA PRO C 149 -4.17 -10.46 19.95
C PRO C 149 -5.52 -10.05 19.33
N MET C 150 -5.49 -9.87 18.02
CA MET C 150 -6.66 -9.57 17.19
C MET C 150 -7.28 -8.16 17.28
N THR C 151 -7.53 -7.64 18.47
CA THR C 151 -8.02 -6.28 18.64
C THR C 151 -7.17 -5.33 17.85
N PRO C 152 -7.77 -4.43 17.07
CA PRO C 152 -6.93 -3.59 16.26
C PRO C 152 -6.40 -2.39 17.03
N TYR C 153 -6.79 -2.17 18.28
CA TYR C 153 -5.93 -1.41 19.22
C TYR C 153 -4.89 -2.48 19.40
N SER C 154 -3.61 -2.27 19.55
CA SER C 154 -2.75 -3.48 19.63
C SER C 154 -2.40 -3.71 21.02
N LEU C 155 -2.48 -2.64 21.78
CA LEU C 155 -1.72 -2.48 22.98
C LEU C 155 -2.71 -1.83 23.94
N ILE C 156 -3.18 -2.60 24.93
CA ILE C 156 -4.27 -2.20 25.85
C ILE C 156 -3.88 -2.31 27.33
N PHE C 157 -4.67 -1.73 28.24
CA PHE C 157 -4.20 -1.63 29.66
C PHE C 157 -4.93 -2.45 30.75
N ILE C 158 -4.28 -2.57 31.91
CA ILE C 158 -4.91 -3.24 33.04
C ILE C 158 -5.55 -2.19 33.89
N LEU C 159 -6.89 -2.29 34.00
CA LEU C 159 -7.74 -1.48 34.91
C LEU C 159 -8.53 -2.30 36.02
N PRO C 160 -8.97 -1.63 37.14
CA PRO C 160 -9.74 -2.33 38.19
C PRO C 160 -11.15 -2.73 37.78
N MET C 161 -11.56 -3.93 38.14
CA MET C 161 -12.96 -4.36 38.14
C MET C 161 -13.24 -4.96 39.55
N PHE C 162 -14.33 -4.52 40.19
CA PHE C 162 -14.71 -4.93 41.52
C PHE C 162 -15.70 -6.06 41.50
N SER C 163 -16.37 -6.28 40.35
CA SER C 163 -17.24 -7.45 40.17
C SER C 163 -16.56 -8.84 40.01
N ILE C 164 -15.21 -8.88 39.93
CA ILE C 164 -14.42 -10.13 39.71
C ILE C 164 -14.60 -11.11 40.88
N SER C 165 -14.51 -12.40 40.60
CA SER C 165 -14.51 -13.44 41.64
C SER C 165 -13.22 -14.23 41.49
N MET C 166 -12.47 -14.43 42.58
CA MET C 166 -11.21 -15.15 42.47
C MET C 166 -11.38 -16.67 42.21
N GLU C 167 -12.46 -17.26 42.74
CA GLU C 167 -12.92 -18.65 42.44
C GLU C 167 -13.24 -19.00 40.95
N LYS C 168 -13.46 -18.01 40.10
CA LYS C 168 -13.74 -18.25 38.68
C LYS C 168 -12.48 -18.00 37.86
N GLY C 169 -12.38 -18.67 36.71
CA GLY C 169 -11.26 -18.61 35.80
C GLY C 169 -9.90 -18.38 36.47
N THR C 170 -9.22 -17.33 36.00
CA THR C 170 -7.91 -16.89 36.50
C THR C 170 -7.91 -15.68 37.46
N GLY C 171 -9.09 -15.13 37.77
CA GLY C 171 -9.20 -13.86 38.50
C GLY C 171 -8.83 -12.59 37.72
N ILE C 172 -8.34 -12.77 36.47
CA ILE C 172 -8.07 -11.68 35.51
C ILE C 172 -8.86 -11.97 34.25
N VAL C 173 -9.42 -10.89 33.69
CA VAL C 173 -10.55 -10.94 32.77
C VAL C 173 -10.39 -9.92 31.63
N THR C 174 -10.84 -10.35 30.42
CA THR C 174 -10.86 -9.56 29.20
C THR C 174 -12.00 -8.48 29.20
N SER C 175 -11.75 -7.44 28.39
CA SER C 175 -12.68 -6.28 28.31
C SER C 175 -13.20 -5.97 26.93
N VAL C 176 -14.39 -6.44 26.62
CA VAL C 176 -15.06 -6.16 25.36
C VAL C 176 -16.42 -5.44 25.66
N PRO C 177 -16.38 -4.10 25.97
CA PRO C 177 -17.60 -3.44 26.44
C PRO C 177 -18.69 -3.26 25.37
N SER C 178 -18.31 -3.36 24.10
CA SER C 178 -19.26 -3.41 23.00
C SER C 178 -20.29 -4.52 23.17
N ASP C 179 -19.78 -5.69 23.52
CA ASP C 179 -20.57 -6.93 23.57
C ASP C 179 -20.58 -7.70 24.97
N SER C 180 -20.18 -6.96 26.02
CA SER C 180 -20.21 -7.40 27.46
C SER C 180 -20.78 -6.30 28.40
N PRO C 181 -21.97 -6.56 28.98
CA PRO C 181 -22.60 -5.59 29.90
C PRO C 181 -21.74 -5.25 31.08
N ASP C 182 -21.19 -6.29 31.75
CA ASP C 182 -20.27 -6.14 32.90
C ASP C 182 -19.09 -5.23 32.50
N ASP C 183 -18.46 -5.58 31.38
CA ASP C 183 -17.36 -4.80 30.91
C ASP C 183 -17.82 -3.37 30.64
N TYR C 184 -19.01 -3.18 30.08
CA TYR C 184 -19.47 -1.80 29.80
C TYR C 184 -19.82 -1.04 31.09
N ALA C 185 -20.43 -1.70 32.08
CA ALA C 185 -20.76 -0.99 33.35
C ALA C 185 -19.50 -0.51 34.01
N ALA C 186 -18.53 -1.40 34.05
CA ALA C 186 -17.25 -1.16 34.71
C ALA C 186 -16.35 -0.14 33.97
N LEU C 187 -16.50 -0.04 32.67
CA LEU C 187 -15.79 0.98 31.96
C LEU C 187 -16.54 2.28 32.17
N ARG C 188 -17.86 2.23 32.03
CA ARG C 188 -18.69 3.42 32.20
C ARG C 188 -18.38 4.01 33.57
N ASP C 189 -18.22 3.17 34.60
CA ASP C 189 -17.91 3.66 35.98
C ASP C 189 -16.52 4.37 36.07
N ILE C 190 -15.50 3.81 35.39
CA ILE C 190 -14.16 4.45 35.34
C ILE C 190 -14.18 5.80 34.60
N LYS C 191 -14.96 5.92 33.52
CA LYS C 191 -15.07 7.14 32.74
C LYS C 191 -15.89 8.17 33.47
N THR C 192 -16.88 7.72 34.23
CA THR C 192 -17.84 8.62 34.92
C THR C 192 -17.54 8.91 36.39
N LYS C 193 -16.58 8.25 37.01
CA LYS C 193 -16.37 8.46 38.44
C LYS C 193 -14.94 8.93 38.78
N PRO C 194 -14.70 10.28 38.79
CA PRO C 194 -13.33 10.81 39.03
C PRO C 194 -12.62 10.34 40.32
N LEU C 195 -13.35 10.25 41.43
CA LEU C 195 -12.78 9.78 42.71
C LEU C 195 -12.40 8.29 42.76
N LEU C 196 -13.02 7.48 41.88
CA LEU C 196 -12.56 6.10 41.53
C LEU C 196 -11.21 6.11 40.76
N ARG C 197 -11.17 6.83 39.64
CA ARG C 197 -9.92 7.13 38.99
C ARG C 197 -8.84 7.61 39.95
N GLU C 198 -9.22 8.50 40.88
CA GLU C 198 -8.25 9.14 41.76
C GLU C 198 -7.66 8.17 42.77
N LYS C 199 -8.53 7.31 43.34
CA LYS C 199 -8.16 6.20 44.22
C LYS C 199 -7.09 5.24 43.64
N TYR C 200 -7.20 4.89 42.35
CA TYR C 200 -6.28 3.96 41.69
C TYR C 200 -5.33 4.60 40.72
N SER C 201 -5.25 5.93 40.75
CA SER C 201 -4.38 6.68 39.86
C SER C 201 -4.58 6.30 38.37
N ILE C 202 -5.83 6.05 37.96
CA ILE C 202 -6.11 5.66 36.58
C ILE C 202 -5.89 6.92 35.70
N LYS C 203 -4.89 6.86 34.81
CA LYS C 203 -4.61 7.91 33.84
C LYS C 203 -5.55 7.79 32.68
N ASP C 204 -5.99 8.97 32.23
CA ASP C 204 -7.02 9.11 31.19
C ASP C 204 -6.66 8.43 29.81
N GLU C 205 -5.34 8.38 29.52
CA GLU C 205 -4.77 7.64 28.39
C GLU C 205 -4.85 6.12 28.33
N TRP C 206 -5.23 5.44 29.42
CA TRP C 206 -5.41 3.94 29.46
C TRP C 206 -6.81 3.51 29.06
N ILE C 207 -7.71 4.49 28.97
CA ILE C 207 -9.11 4.22 28.75
C ILE C 207 -9.37 4.33 27.29
N LEU C 208 -9.63 3.19 26.67
CA LEU C 208 -10.00 3.12 25.26
C LEU C 208 -11.45 2.91 25.19
N ASP C 209 -12.03 3.34 24.09
CA ASP C 209 -13.48 3.31 23.83
C ASP C 209 -13.97 2.04 23.15
N PRO C 210 -15.24 1.65 23.46
CA PRO C 210 -15.89 0.52 22.77
C PRO C 210 -15.61 0.59 21.28
N LEU C 211 -15.26 -0.53 20.70
CA LEU C 211 -15.08 -0.71 19.31
C LEU C 211 -16.34 -1.42 18.84
N GLU C 212 -16.46 -1.53 17.53
CA GLU C 212 -17.60 -2.09 16.85
C GLU C 212 -17.14 -3.35 16.16
N ILE C 213 -17.66 -4.46 16.63
CA ILE C 213 -17.29 -5.77 16.13
C ILE C 213 -18.45 -6.65 15.68
N ILE C 214 -19.58 -6.54 16.36
CA ILE C 214 -20.71 -7.40 16.13
C ILE C 214 -21.99 -6.53 15.96
N GLU C 215 -22.64 -6.67 14.80
CA GLU C 215 -24.03 -6.23 14.64
C GLU C 215 -24.94 -7.37 15.13
N VAL C 216 -26.05 -6.98 15.73
CA VAL C 216 -27.13 -7.89 16.08
C VAL C 216 -28.34 -7.23 15.37
N PRO C 217 -28.84 -7.79 14.22
CA PRO C 217 -30.02 -7.16 13.59
C PRO C 217 -31.09 -6.91 14.64
N GLY C 218 -31.41 -5.64 14.89
CA GLY C 218 -32.25 -5.21 16.02
C GLY C 218 -31.60 -4.29 17.07
N PHE C 219 -30.31 -4.53 17.38
CA PHE C 219 -29.53 -3.78 18.40
C PHE C 219 -28.35 -2.92 17.84
N GLY C 220 -27.86 -3.21 16.63
CA GLY C 220 -26.67 -2.53 16.08
C GLY C 220 -25.34 -3.01 16.64
N PHE C 221 -24.34 -2.14 16.62
CA PHE C 221 -22.97 -2.48 17.05
C PHE C 221 -22.66 -2.21 18.53
N MET C 222 -23.68 -1.79 19.29
CA MET C 222 -23.59 -1.50 20.73
C MET C 222 -24.71 -2.26 21.48
N THR C 223 -24.68 -3.57 21.26
CA THR C 223 -25.57 -4.54 21.89
C THR C 223 -25.44 -4.53 23.43
N ALA C 224 -24.23 -4.30 23.98
CA ALA C 224 -24.02 -4.24 25.46
C ALA C 224 -24.57 -2.96 26.09
N GLU C 225 -24.32 -1.81 25.47
CA GLU C 225 -24.85 -0.50 25.90
C GLU C 225 -26.38 -0.47 26.00
N LEU C 226 -27.06 -1.07 25.01
CA LEU C 226 -28.54 -1.03 24.97
C LEU C 226 -29.21 -1.99 25.95
N LEU C 227 -28.59 -3.14 26.16
CA LEU C 227 -29.02 -4.03 27.23
C LEU C 227 -28.80 -3.40 28.65
N CYS C 228 -27.79 -2.52 28.79
CA CYS C 228 -27.54 -1.81 30.06
C CYS C 228 -28.64 -0.79 30.40
N ASN C 229 -29.20 -0.12 29.40
CA ASN C 229 -30.29 0.82 29.63
C ASN C 229 -31.62 0.07 29.79
N GLN C 230 -31.74 -1.10 29.13
CA GLN C 230 -32.95 -1.95 29.18
C GLN C 230 -33.25 -2.49 30.58
N TYR C 231 -32.20 -2.83 31.33
CA TYR C 231 -32.27 -3.28 32.75
C TYR C 231 -31.93 -2.19 33.79
N LYS C 232 -31.71 -0.96 33.35
CA LYS C 232 -31.40 0.18 34.23
C LYS C 232 -30.20 -0.12 35.13
N ILE C 233 -29.16 -0.69 34.52
CA ILE C 233 -27.87 -1.00 35.16
C ILE C 233 -27.11 0.30 35.35
N GLN C 234 -26.90 0.68 36.62
CA GLN C 234 -26.20 1.92 37.00
C GLN C 234 -24.71 1.71 37.29
N SER C 235 -24.31 0.50 37.66
CA SER C 235 -22.92 0.23 38.01
C SER C 235 -22.57 -1.22 37.77
N GLN C 236 -21.28 -1.51 37.87
CA GLN C 236 -20.73 -2.86 37.76
C GLN C 236 -21.09 -3.76 38.95
N ASN C 237 -21.56 -3.16 40.05
CA ASN C 237 -22.05 -3.91 41.15
C ASN C 237 -23.53 -4.18 41.21
N ASP C 238 -24.26 -3.97 40.12
CA ASP C 238 -25.68 -4.41 40.04
C ASP C 238 -25.72 -5.86 39.55
N SER C 239 -25.36 -6.80 40.42
CA SER C 239 -25.09 -8.21 40.00
C SER C 239 -26.28 -8.92 39.37
N ALA C 240 -27.44 -8.80 40.05
CA ALA C 240 -28.70 -9.44 39.65
C ALA C 240 -29.16 -8.93 38.30
N LYS C 241 -29.17 -7.60 38.13
CA LYS C 241 -29.44 -7.01 36.81
C LYS C 241 -28.36 -7.38 35.82
N LEU C 242 -27.11 -7.39 36.25
CA LEU C 242 -26.01 -7.74 35.34
C LEU C 242 -26.01 -9.20 34.95
N LYS C 243 -26.51 -10.07 35.82
CA LYS C 243 -26.48 -11.47 35.51
C LYS C 243 -27.52 -11.78 34.46
N GLN C 244 -28.74 -11.26 34.61
CA GLN C 244 -29.77 -11.48 33.58
C GLN C 244 -29.26 -11.09 32.21
N ALA C 245 -28.69 -9.88 32.12
CA ALA C 245 -28.23 -9.30 30.84
C ALA C 245 -26.99 -9.98 30.30
N LYS C 246 -26.09 -10.42 31.18
CA LYS C 246 -25.01 -11.32 30.77
C LYS C 246 -25.60 -12.59 30.09
N GLU C 247 -26.68 -13.18 30.60
CA GLU C 247 -27.27 -14.39 29.97
C GLU C 247 -28.12 -14.16 28.73
N GLU C 248 -28.76 -12.99 28.67
CA GLU C 248 -29.48 -12.64 27.48
C GLU C 248 -28.51 -12.46 26.34
N ILE C 249 -27.46 -11.66 26.53
CA ILE C 249 -26.46 -11.43 25.47
C ILE C 249 -25.78 -12.71 24.96
N TYR C 250 -25.72 -13.76 25.80
CA TYR C 250 -25.01 -14.99 25.46
C TYR C 250 -25.69 -15.77 24.33
N LYS C 251 -26.96 -16.15 24.55
CA LYS C 251 -27.80 -16.73 23.50
C LYS C 251 -28.01 -15.82 22.27
N LYS C 252 -28.36 -14.56 22.50
CA LYS C 252 -28.74 -13.65 21.41
C LYS C 252 -27.60 -13.26 20.51
N GLU C 253 -26.37 -13.37 20.99
CA GLU C 253 -25.23 -13.15 20.13
C GLU C 253 -24.80 -14.44 19.46
N PHE C 254 -24.96 -15.56 20.18
CA PHE C 254 -24.54 -16.85 19.62
C PHE C 254 -25.22 -17.03 18.27
N TYR C 255 -26.54 -17.12 18.32
CA TYR C 255 -27.30 -17.49 17.17
C TYR C 255 -27.31 -16.39 16.14
N GLU C 256 -27.92 -15.25 16.47
CA GLU C 256 -28.25 -14.22 15.48
C GLU C 256 -27.28 -13.03 15.30
N GLY C 257 -26.03 -13.17 15.77
CA GLY C 257 -25.03 -12.10 15.67
C GLY C 257 -24.07 -12.24 14.49
N ILE C 258 -23.80 -11.10 13.83
CA ILE C 258 -22.86 -10.96 12.68
C ILE C 258 -21.56 -10.23 13.12
N LEU C 259 -20.46 -10.97 13.12
CA LEU C 259 -19.14 -10.33 13.20
C LEU C 259 -18.88 -9.36 12.06
N ILE C 260 -18.26 -8.22 12.35
CA ILE C 260 -17.96 -7.25 11.30
C ILE C 260 -16.50 -6.92 11.21
N ARG C 261 -15.62 -7.73 11.81
CA ARG C 261 -14.16 -7.54 11.68
C ARG C 261 -13.46 -8.86 11.37
N GLY C 262 -12.34 -8.79 10.65
CA GLY C 262 -11.40 -9.90 10.55
C GLY C 262 -11.57 -10.80 9.34
N LYS C 263 -10.92 -11.98 9.39
CA LYS C 263 -11.03 -12.99 8.33
C LYS C 263 -12.42 -13.61 8.18
N TYR C 264 -13.34 -13.24 9.09
CA TYR C 264 -14.73 -13.78 9.13
C TYR C 264 -15.85 -12.71 9.21
N SER C 265 -15.61 -11.50 8.68
CA SER C 265 -16.63 -10.41 8.62
C SER C 265 -17.77 -10.87 7.76
N GLY C 266 -18.99 -10.59 8.16
CA GLY C 266 -20.16 -11.09 7.45
C GLY C 266 -20.67 -12.45 7.90
N MET C 267 -19.80 -13.30 8.48
CA MET C 267 -20.25 -14.58 9.02
C MET C 267 -21.03 -14.38 10.31
N LYS C 268 -21.95 -15.31 10.60
CA LYS C 268 -22.60 -15.34 11.92
C LYS C 268 -21.57 -15.90 12.94
N ILE C 269 -21.74 -15.51 14.20
CA ILE C 269 -20.88 -15.93 15.35
C ILE C 269 -20.97 -17.45 15.56
N CYS C 270 -22.19 -18.03 15.53
CA CYS C 270 -22.38 -19.49 15.76
C CYS C 270 -21.62 -20.41 14.76
N ASP C 271 -21.23 -19.85 13.60
CA ASP C 271 -20.34 -20.52 12.62
C ASP C 271 -18.90 -20.03 12.62
N ALA C 272 -18.63 -18.88 13.24
CA ALA C 272 -17.26 -18.35 13.34
C ALA C 272 -16.50 -18.75 14.61
N LYS C 273 -17.21 -18.85 15.74
CA LYS C 273 -16.65 -19.12 17.06
C LYS C 273 -15.58 -20.22 17.04
N GLU C 274 -15.90 -21.34 16.41
CA GLU C 274 -15.00 -22.50 16.29
C GLU C 274 -13.68 -22.25 15.53
N LEU C 275 -13.73 -21.50 14.44
CA LEU C 275 -12.57 -21.24 13.58
C LEU C 275 -11.59 -20.22 14.23
N ILE C 276 -12.20 -19.28 14.96
CA ILE C 276 -11.53 -18.28 15.80
C ILE C 276 -10.85 -19.03 16.95
N ARG C 277 -11.59 -19.87 17.67
CA ARG C 277 -11.01 -20.68 18.74
C ARG C 277 -9.75 -21.49 18.29
N GLU C 278 -9.89 -22.25 17.19
CA GLU C 278 -8.78 -23.01 16.59
C GLU C 278 -7.63 -22.16 16.10
N SER C 279 -7.94 -21.00 15.53
CA SER C 279 -6.92 -20.11 14.94
C SER C 279 -5.89 -19.56 15.98
N LEU C 280 -6.48 -18.97 17.02
CA LEU C 280 -5.76 -18.44 18.20
C LEU C 280 -4.71 -19.35 18.86
N ILE C 281 -5.01 -20.63 18.95
CA ILE C 281 -4.08 -21.57 19.55
C ILE C 281 -3.00 -21.91 18.54
N LYS C 282 -3.40 -22.13 17.28
CA LYS C 282 -2.47 -22.44 16.20
C LYS C 282 -1.28 -21.48 16.24
N ASP C 283 -1.55 -20.17 16.24
CA ASP C 283 -0.49 -19.16 16.01
C ASP C 283 0.29 -18.71 17.27
N GLY C 284 -0.33 -18.80 18.44
CA GLY C 284 0.36 -18.60 19.72
C GLY C 284 -0.39 -17.88 20.82
N TYR C 285 -1.64 -17.47 20.57
CA TYR C 285 -2.23 -16.40 21.33
C TYR C 285 -3.21 -16.85 22.42
N ALA C 286 -3.69 -18.11 22.33
CA ALA C 286 -4.52 -18.72 23.39
C ALA C 286 -4.27 -20.20 23.62
N LEU C 287 -4.88 -20.74 24.68
CA LEU C 287 -4.77 -22.18 25.05
C LEU C 287 -6.11 -22.76 25.52
N ILE C 288 -6.13 -24.08 25.69
CA ILE C 288 -7.33 -24.82 26.11
C ILE C 288 -7.31 -24.79 27.61
N TYR C 289 -8.44 -24.59 28.26
CA TYR C 289 -8.45 -24.55 29.73
C TYR C 289 -9.73 -25.15 30.29
N LEU C 290 -9.66 -26.43 30.70
CA LEU C 290 -10.81 -27.12 31.26
C LEU C 290 -10.88 -26.69 32.72
N GLU C 291 -11.94 -25.99 33.07
CA GLU C 291 -12.22 -25.66 34.47
C GLU C 291 -13.52 -26.36 34.83
N PRO D 5 26.28 -5.02 5.05
CA PRO D 5 26.14 -6.39 4.55
C PRO D 5 24.78 -6.68 3.88
N GLN D 6 24.67 -6.41 2.58
CA GLN D 6 23.38 -6.35 1.85
C GLN D 6 23.07 -7.51 0.85
N GLU D 7 21.77 -7.85 0.71
CA GLU D 7 21.24 -8.96 -0.13
C GLU D 7 20.84 -8.49 -1.54
N TYR D 8 21.66 -8.85 -2.53
CA TYR D 8 21.38 -8.62 -3.94
C TYR D 8 20.68 -9.84 -4.53
N THR D 9 20.24 -9.70 -5.76
CA THR D 9 19.68 -10.79 -6.49
C THR D 9 20.59 -10.98 -7.68
N LEU D 10 21.19 -12.17 -7.74
CA LEU D 10 22.14 -12.46 -8.81
C LEU D 10 21.39 -13.05 -10.00
N ILE D 11 21.20 -12.21 -11.03
CA ILE D 11 20.46 -12.63 -12.22
C ILE D 11 21.36 -13.42 -13.13
N LYS D 12 20.85 -14.52 -13.68
CA LYS D 12 21.60 -15.34 -14.64
C LYS D 12 21.01 -15.20 -16.08
N LEU D 13 21.81 -14.63 -16.97
CA LEU D 13 21.56 -14.50 -18.37
C LEU D 13 22.27 -15.58 -19.15
N LYS D 14 21.54 -16.53 -19.71
CA LYS D 14 22.17 -17.65 -20.42
C LYS D 14 22.77 -17.14 -21.74
N ILE D 15 24.06 -17.37 -21.95
CA ILE D 15 24.62 -17.19 -23.29
C ILE D 15 23.97 -18.20 -24.20
N HIS D 16 23.25 -17.70 -25.19
CA HIS D 16 22.55 -18.44 -26.25
C HIS D 16 23.43 -19.16 -27.28
N LEU D 17 24.61 -18.61 -27.56
CA LEU D 17 25.55 -19.18 -28.49
C LEU D 17 26.92 -18.78 -28.05
N ILE D 18 27.74 -19.74 -27.69
CA ILE D 18 29.08 -19.43 -27.21
C ILE D 18 29.93 -18.96 -28.42
N PRO D 19 30.60 -17.82 -28.29
CA PRO D 19 31.62 -17.41 -29.24
C PRO D 19 32.69 -18.49 -29.41
N GLU D 20 33.02 -18.88 -30.63
CA GLU D 20 34.10 -19.85 -30.93
C GLU D 20 35.34 -19.76 -30.07
N PHE D 21 35.71 -18.54 -29.76
CA PHE D 21 36.91 -18.29 -29.05
C PHE D 21 36.84 -18.69 -27.60
N LEU D 22 35.64 -18.83 -27.07
CA LEU D 22 35.44 -19.46 -25.76
C LEU D 22 35.13 -20.94 -25.78
N GLY D 23 34.54 -21.48 -26.85
CA GLY D 23 34.06 -22.89 -26.92
C GLY D 23 35.03 -23.93 -26.36
N SER D 24 36.31 -23.70 -26.62
CA SER D 24 37.44 -24.29 -25.95
C SER D 24 37.22 -24.35 -24.43
N ILE D 25 37.52 -23.25 -23.75
CA ILE D 25 37.43 -23.10 -22.30
C ILE D 25 36.08 -23.67 -21.76
N VAL D 26 34.98 -23.27 -22.36
CA VAL D 26 33.66 -23.61 -21.87
C VAL D 26 33.28 -25.09 -22.07
N LYS D 27 33.98 -25.79 -22.96
CA LYS D 27 33.76 -27.23 -23.20
C LYS D 27 32.32 -27.74 -23.07
N GLY D 28 31.37 -27.04 -23.64
CA GLY D 28 29.99 -27.49 -23.64
C GLY D 28 29.35 -27.61 -22.26
N ARG D 29 29.55 -26.62 -21.39
CA ARG D 29 28.72 -26.48 -20.19
C ARG D 29 27.83 -25.27 -20.43
N GLU D 30 26.70 -25.14 -19.74
CA GLU D 30 25.90 -23.91 -19.87
C GLU D 30 26.71 -22.74 -19.30
N VAL D 31 26.79 -21.64 -20.02
CA VAL D 31 27.42 -20.42 -19.51
C VAL D 31 26.38 -19.33 -19.28
N PHE D 32 26.49 -18.61 -18.18
CA PHE D 32 25.62 -17.53 -17.85
C PHE D 32 26.48 -16.35 -17.53
N VAL D 33 26.20 -15.23 -18.17
CA VAL D 33 26.65 -13.92 -17.68
C VAL D 33 25.78 -13.69 -16.44
N VAL D 34 26.33 -13.13 -15.36
CA VAL D 34 25.57 -12.95 -14.12
C VAL D 34 25.60 -11.55 -13.59
N CYS D 35 24.45 -11.09 -13.08
CA CYS D 35 24.38 -9.69 -12.69
C CYS D 35 23.76 -9.47 -11.36
N ALA D 36 24.38 -8.60 -10.59
CA ALA D 36 23.79 -8.25 -9.30
C ALA D 36 22.77 -7.11 -9.42
N THR D 37 21.55 -7.33 -8.96
CA THR D 37 20.56 -6.23 -8.90
C THR D 37 19.79 -6.13 -7.56
N LEU D 38 19.39 -4.90 -7.24
CA LEU D 38 18.45 -4.63 -6.14
C LEU D 38 17.02 -4.57 -6.58
N ARG D 39 16.77 -4.76 -7.87
CA ARG D 39 15.46 -4.42 -8.45
C ARG D 39 15.02 -5.53 -9.37
N PRO D 40 14.76 -6.68 -8.79
CA PRO D 40 14.33 -7.81 -9.58
C PRO D 40 13.00 -7.64 -10.27
N GLU D 41 12.11 -6.80 -9.74
CA GLU D 41 10.82 -6.47 -10.47
C GLU D 41 10.98 -5.77 -11.82
N THR D 42 12.14 -5.12 -12.07
CA THR D 42 12.41 -4.48 -13.35
C THR D 42 12.85 -5.47 -14.43
N MET D 43 13.06 -6.76 -14.11
CA MET D 43 13.58 -7.68 -15.15
C MET D 43 12.69 -7.85 -16.37
N TYR D 44 11.38 -7.57 -16.23
CA TYR D 44 10.48 -7.65 -17.38
C TYR D 44 10.86 -6.62 -18.45
N GLY D 45 11.56 -5.56 -18.11
CA GLY D 45 12.02 -4.61 -19.16
C GLY D 45 13.48 -4.67 -19.62
N GLN D 46 14.15 -5.82 -19.55
CA GLN D 46 15.56 -5.85 -20.03
C GLN D 46 15.66 -5.74 -21.55
N THR D 47 16.59 -4.93 -22.00
CA THR D 47 16.79 -4.64 -23.42
C THR D 47 18.14 -5.04 -24.00
N ASN D 48 19.14 -4.97 -23.14
CA ASN D 48 20.46 -5.44 -23.42
C ASN D 48 21.11 -5.71 -22.03
N CYS D 49 22.40 -6.03 -22.05
CA CYS D 49 23.19 -6.21 -20.88
C CYS D 49 24.36 -5.22 -20.97
N TRP D 50 24.86 -4.69 -19.85
CA TRP D 50 26.05 -3.78 -19.88
C TRP D 50 27.33 -4.49 -19.42
N ILE D 51 28.45 -4.16 -20.08
CA ILE D 51 29.79 -4.64 -19.69
C ILE D 51 30.82 -3.54 -19.82
N LEU D 52 31.86 -3.58 -18.99
CA LEU D 52 32.95 -2.58 -19.05
C LEU D 52 33.94 -3.10 -20.05
N PRO D 53 34.12 -2.36 -21.17
CA PRO D 53 35.00 -2.75 -22.27
C PRO D 53 36.40 -3.14 -21.87
N ASP D 54 37.07 -2.37 -21.01
CA ASP D 54 38.44 -2.78 -20.62
C ASP D 54 38.52 -3.42 -19.23
N GLY D 55 37.38 -3.93 -18.76
CA GLY D 55 37.30 -4.71 -17.54
C GLY D 55 37.70 -6.14 -17.82
N GLU D 56 38.44 -6.76 -16.91
CA GLU D 56 38.87 -8.15 -17.04
C GLU D 56 37.94 -9.03 -16.24
N TYR D 57 37.35 -10.04 -16.86
CA TYR D 57 36.37 -10.91 -16.19
C TYR D 57 36.92 -12.32 -16.24
N ASP D 58 36.35 -13.19 -15.40
CA ASP D 58 36.68 -14.60 -15.31
C ASP D 58 35.53 -15.45 -15.77
N LEU D 59 35.84 -16.58 -16.37
CA LEU D 59 34.91 -17.67 -16.45
C LEU D 59 35.19 -18.48 -15.19
N VAL D 60 34.15 -18.80 -14.46
CA VAL D 60 34.31 -19.36 -13.19
C VAL D 60 33.43 -20.57 -13.09
N LEU D 61 34.00 -21.67 -12.59
CA LEU D 61 33.23 -22.89 -12.42
C LEU D 61 32.34 -22.70 -11.22
N ALA D 62 31.13 -23.25 -11.32
CA ALA D 62 30.09 -23.04 -10.34
C ALA D 62 29.22 -24.24 -10.09
N PHE D 63 28.70 -24.29 -8.89
CA PHE D 63 27.82 -25.35 -8.50
C PHE D 63 26.56 -25.35 -9.36
N ASP D 64 26.17 -26.54 -9.81
CA ASP D 64 24.88 -26.73 -10.47
C ASP D 64 23.77 -26.41 -9.51
N GLN D 65 23.82 -27.05 -8.34
CA GLN D 65 22.90 -26.86 -7.24
C GLN D 65 23.59 -26.01 -6.18
N VAL D 66 22.88 -25.03 -5.66
CA VAL D 66 23.32 -24.22 -4.54
C VAL D 66 22.44 -24.58 -3.31
N ILE D 67 23.02 -24.88 -2.14
CA ILE D 67 22.20 -25.06 -0.90
C ILE D 67 22.12 -23.73 -0.11
N PRO D 68 20.94 -23.03 -0.11
CA PRO D 68 20.81 -21.83 0.76
C PRO D 68 20.51 -22.19 2.25
N TYR D 69 21.49 -21.97 3.14
CA TYR D 69 21.31 -22.00 4.61
C TYR D 69 20.12 -21.10 5.11
N ASP D 70 19.50 -21.46 6.24
CA ASP D 70 18.22 -20.84 6.69
C ASP D 70 18.25 -19.33 6.98
N ASP D 75 22.89 -18.64 11.35
CA ASP D 75 24.05 -17.75 11.45
C ASP D 75 25.09 -17.99 10.36
N GLY D 76 25.86 -19.08 10.50
CA GLY D 76 27.01 -19.39 9.61
C GLY D 76 26.66 -19.56 8.14
N VAL D 77 27.65 -19.38 7.27
CA VAL D 77 27.50 -19.58 5.83
C VAL D 77 28.43 -20.70 5.41
N LEU D 78 27.93 -21.73 4.72
CA LEU D 78 28.83 -22.80 4.23
C LEU D 78 29.49 -22.44 2.88
N CYS D 79 30.74 -22.90 2.70
CA CYS D 79 31.45 -22.89 1.44
C CYS D 79 32.04 -24.32 1.23
N LYS D 80 32.89 -24.61 0.22
CA LYS D 80 33.23 -26.02 -0.09
C LYS D 80 34.56 -26.31 -0.83
N ILE D 81 35.59 -26.69 -0.10
CA ILE D 81 36.92 -26.78 -0.64
C ILE D 81 37.19 -28.20 -1.10
N PHE D 82 37.88 -28.30 -2.22
CA PHE D 82 38.20 -29.55 -2.84
C PHE D 82 39.70 -29.53 -2.99
N ASP D 83 40.26 -30.71 -2.76
CA ASP D 83 41.65 -30.85 -2.81
C ASP D 83 42.05 -30.24 -4.13
N LYS D 84 41.54 -30.81 -5.23
CA LYS D 84 41.90 -30.39 -6.61
C LYS D 84 40.73 -30.22 -7.63
N TYR D 85 41.05 -29.61 -8.78
CA TYR D 85 40.11 -29.30 -9.88
C TYR D 85 39.15 -30.44 -10.22
N GLU D 86 39.71 -31.62 -10.48
CA GLU D 86 38.94 -32.71 -11.08
C GLU D 86 37.82 -33.21 -10.14
N ASP D 87 38.00 -32.99 -8.84
CA ASP D 87 37.01 -33.41 -7.85
C ASP D 87 35.65 -32.74 -8.03
N THR D 88 35.65 -31.52 -8.58
CA THR D 88 34.44 -30.70 -8.70
C THR D 88 33.52 -31.09 -9.85
N MET D 89 34.03 -31.82 -10.83
CA MET D 89 33.25 -32.10 -12.03
C MET D 89 31.94 -32.87 -11.87
N LYS D 90 31.71 -33.45 -10.70
CA LYS D 90 30.43 -34.07 -10.40
C LYS D 90 29.33 -33.03 -10.20
N GLU D 91 29.58 -32.13 -9.22
CA GLU D 91 28.62 -31.12 -8.74
C GLU D 91 28.56 -29.81 -9.54
N CYS D 92 29.53 -29.64 -10.44
CA CYS D 92 29.82 -28.37 -11.11
C CYS D 92 29.95 -28.55 -12.63
N ASN D 93 28.91 -28.15 -13.37
CA ASN D 93 28.80 -28.31 -14.83
C ASN D 93 28.27 -27.00 -15.44
N THR D 94 28.76 -25.89 -14.90
CA THR D 94 28.18 -24.60 -15.07
C THR D 94 29.24 -23.54 -14.93
N VAL D 95 29.21 -22.55 -15.82
CA VAL D 95 30.16 -21.44 -15.83
C VAL D 95 29.45 -20.09 -15.65
N TYR D 96 30.09 -19.18 -14.92
CA TYR D 96 29.56 -17.88 -14.71
C TYR D 96 30.59 -16.92 -15.25
N ILE D 97 30.16 -15.89 -16.02
CA ILE D 97 31.11 -14.83 -16.29
C ILE D 97 30.98 -13.73 -15.23
N CYS D 98 32.08 -13.39 -14.57
CA CYS D 98 32.08 -12.33 -13.57
C CYS D 98 33.46 -11.82 -13.21
N SER D 99 33.47 -10.70 -12.48
CA SER D 99 34.71 -10.17 -11.96
C SER D 99 35.29 -11.23 -11.01
N GLU D 100 36.61 -11.22 -10.89
CA GLU D 100 37.32 -12.09 -9.99
C GLU D 100 36.81 -11.85 -8.56
N ARG D 101 36.78 -10.56 -8.21
CA ARG D 101 36.30 -10.12 -6.90
C ARG D 101 35.01 -10.79 -6.52
N SER D 102 34.02 -10.74 -7.39
CA SER D 102 32.69 -11.23 -7.05
C SER D 102 32.67 -12.76 -7.00
N ALA D 103 33.55 -13.38 -7.78
CA ALA D 103 33.64 -14.83 -7.80
C ALA D 103 34.14 -15.39 -6.46
N TYR D 104 35.14 -14.73 -5.84
CA TYR D 104 35.56 -15.04 -4.43
C TYR D 104 34.45 -14.76 -3.47
N ASN D 105 33.66 -13.68 -3.66
CA ASN D 105 32.51 -13.50 -2.78
C ASN D 105 31.52 -14.62 -2.97
N MET D 106 31.44 -15.14 -4.18
CA MET D 106 30.52 -16.24 -4.42
C MET D 106 30.98 -17.47 -3.68
N ALA D 107 32.27 -17.71 -3.74
CA ALA D 107 32.91 -18.89 -3.20
C ALA D 107 32.70 -19.05 -1.68
N TYR D 108 32.82 -17.91 -1.00
CA TYR D 108 32.59 -17.77 0.44
C TYR D 108 31.12 -17.63 0.83
N GLN D 109 30.23 -18.08 -0.05
CA GLN D 109 28.80 -18.23 0.23
C GLN D 109 28.24 -19.51 -0.33
N GLY D 110 29.12 -20.36 -0.83
CA GLY D 110 28.72 -21.65 -1.35
C GLY D 110 28.17 -21.66 -2.76
N ILE D 111 28.39 -20.60 -3.53
CA ILE D 111 27.87 -20.47 -4.90
C ILE D 111 28.84 -21.05 -5.89
N VAL D 112 30.15 -20.93 -5.61
CA VAL D 112 31.19 -21.64 -6.37
C VAL D 112 32.23 -22.37 -5.51
N PRO D 113 32.77 -23.48 -6.03
CA PRO D 113 33.81 -24.21 -5.33
C PRO D 113 35.14 -23.48 -5.13
N LEU D 114 35.85 -23.83 -4.06
CA LEU D 114 37.28 -23.46 -3.82
C LEU D 114 38.19 -24.69 -3.98
N ILE D 115 39.48 -24.48 -4.23
CA ILE D 115 40.43 -25.59 -4.40
C ILE D 115 41.75 -25.44 -3.65
N PRO D 128 43.64 -20.89 -0.96
CA PRO D 128 42.22 -21.23 -1.28
C PRO D 128 41.70 -20.39 -2.46
N ARG D 129 41.51 -21.05 -3.60
CA ARG D 129 41.29 -20.36 -4.84
C ARG D 129 40.06 -20.83 -5.58
N ILE D 130 39.61 -20.00 -6.51
CA ILE D 130 38.44 -20.31 -7.34
C ILE D 130 38.90 -21.15 -8.49
N VAL D 131 37.97 -21.72 -9.21
CA VAL D 131 38.31 -22.46 -10.43
C VAL D 131 38.06 -21.52 -11.62
N SER D 132 39.06 -20.70 -11.94
CA SER D 132 39.00 -19.82 -13.11
C SER D 132 39.40 -20.55 -14.36
N LEU D 133 38.44 -20.74 -15.27
CA LEU D 133 38.72 -21.43 -16.54
C LEU D 133 39.40 -20.54 -17.50
N GLY D 134 39.49 -19.24 -17.20
CA GLY D 134 40.09 -18.30 -18.14
C GLY D 134 39.65 -16.88 -17.87
N LYS D 135 40.43 -15.97 -18.43
CA LYS D 135 40.23 -14.54 -18.28
C LYS D 135 39.67 -13.91 -19.59
N VAL D 136 38.88 -12.84 -19.53
CA VAL D 136 38.42 -12.21 -20.78
C VAL D 136 38.12 -10.73 -20.60
N TYR D 137 38.46 -9.90 -21.58
CA TYR D 137 38.07 -8.47 -21.54
C TYR D 137 36.61 -8.30 -22.01
N GLY D 138 35.92 -7.33 -21.45
CA GLY D 138 34.52 -7.04 -21.77
C GLY D 138 34.27 -6.78 -23.25
N GLU D 139 35.09 -5.94 -23.85
CA GLU D 139 35.09 -5.71 -25.26
C GLU D 139 34.87 -7.00 -26.06
N GLN D 140 35.53 -8.08 -25.66
CA GLN D 140 35.48 -9.32 -26.42
C GLN D 140 34.13 -10.01 -26.35
N LEU D 141 33.32 -9.66 -25.37
CA LEU D 141 31.97 -10.18 -25.29
C LEU D 141 30.85 -9.30 -25.90
N ILE D 142 31.18 -8.09 -26.34
CA ILE D 142 30.16 -7.21 -26.88
C ILE D 142 29.51 -7.89 -28.07
N GLY D 143 28.19 -7.97 -28.12
CA GLY D 143 27.47 -8.65 -29.23
C GLY D 143 26.97 -10.07 -28.94
N THR D 144 27.30 -10.58 -27.73
CA THR D 144 26.97 -11.92 -27.39
C THR D 144 25.48 -11.96 -27.16
N PRO D 145 24.78 -12.93 -27.75
CA PRO D 145 23.33 -13.00 -27.52
C PRO D 145 23.03 -13.72 -26.23
N LEU D 146 22.07 -13.25 -25.47
CA LEU D 146 21.69 -13.80 -24.20
C LEU D 146 20.22 -14.10 -24.11
N SER D 147 19.88 -15.05 -23.30
CA SER D 147 18.54 -15.48 -23.12
C SER D 147 18.17 -15.12 -21.68
N ALA D 148 17.51 -13.98 -21.52
CA ALA D 148 17.40 -13.36 -20.19
C ALA D 148 16.04 -13.65 -19.63
N PRO D 149 15.96 -13.84 -18.29
CA PRO D 149 14.67 -14.18 -17.69
C PRO D 149 13.71 -13.01 -17.77
N MET D 150 12.45 -13.37 -17.97
CA MET D 150 11.33 -12.45 -17.89
C MET D 150 11.16 -11.40 -18.98
N THR D 151 12.23 -10.97 -19.64
CA THR D 151 12.06 -9.99 -20.71
C THR D 151 11.31 -10.68 -21.86
N PRO D 152 10.47 -9.97 -22.60
CA PRO D 152 9.84 -10.61 -23.72
C PRO D 152 10.72 -10.70 -24.97
N TYR D 153 11.86 -10.04 -24.99
CA TYR D 153 12.78 -10.22 -26.09
C TYR D 153 13.54 -11.57 -25.95
N SER D 154 13.32 -12.48 -26.85
CA SER D 154 13.98 -13.72 -26.99
C SER D 154 15.47 -13.69 -26.84
N LEU D 155 16.08 -12.68 -27.43
CA LEU D 155 17.53 -12.49 -27.34
C LEU D 155 17.80 -11.06 -26.99
N ILE D 156 18.80 -10.79 -26.17
CA ILE D 156 19.27 -9.44 -25.96
C ILE D 156 20.76 -9.55 -25.96
N PHE D 157 21.47 -8.43 -25.99
CA PHE D 157 22.89 -8.42 -26.33
C PHE D 157 23.80 -7.69 -25.37
N ILE D 158 25.06 -8.11 -25.29
CA ILE D 158 25.99 -7.42 -24.46
C ILE D 158 26.46 -6.19 -25.18
N LEU D 159 26.28 -5.06 -24.52
CA LEU D 159 26.77 -3.75 -24.98
C LEU D 159 27.69 -3.05 -23.95
N PRO D 160 28.50 -2.07 -24.39
CA PRO D 160 29.40 -1.38 -23.48
C PRO D 160 28.76 -0.24 -22.73
N MET D 161 29.04 -0.16 -21.44
CA MET D 161 28.75 0.98 -20.55
C MET D 161 30.07 1.34 -19.86
N PHE D 162 30.38 2.63 -19.77
CA PHE D 162 31.65 3.11 -19.22
C PHE D 162 31.56 3.53 -17.76
N SER D 163 30.36 3.73 -17.23
CA SER D 163 30.18 4.02 -15.80
C SER D 163 30.38 2.83 -14.85
N ILE D 164 30.47 1.60 -15.33
CA ILE D 164 30.54 0.42 -14.43
C ILE D 164 31.81 0.49 -13.61
N SER D 165 31.72 0.14 -12.32
CA SER D 165 32.88 0.00 -11.43
C SER D 165 33.14 -1.47 -11.28
N MET D 166 34.42 -1.86 -11.35
CA MET D 166 34.81 -3.26 -11.04
C MET D 166 34.85 -3.56 -9.53
N GLU D 167 34.72 -2.55 -8.66
CA GLU D 167 34.65 -2.76 -7.21
C GLU D 167 33.28 -3.28 -6.72
N LYS D 168 32.19 -3.03 -7.46
CA LYS D 168 30.85 -3.43 -7.06
C LYS D 168 30.32 -4.58 -7.90
N GLY D 169 29.33 -5.27 -7.35
CA GLY D 169 28.64 -6.36 -8.04
C GLY D 169 29.60 -7.24 -8.79
N THR D 170 29.23 -7.66 -9.97
CA THR D 170 30.08 -8.53 -10.78
C THR D 170 30.77 -7.79 -11.88
N GLY D 171 30.58 -6.48 -11.96
CA GLY D 171 31.08 -5.68 -13.06
C GLY D 171 30.32 -5.88 -14.36
N ILE D 172 29.15 -6.54 -14.27
CA ILE D 172 28.24 -6.77 -15.38
C ILE D 172 26.84 -6.46 -14.89
N VAL D 173 26.14 -5.58 -15.61
CA VAL D 173 24.91 -4.99 -15.15
C VAL D 173 23.73 -5.26 -16.15
N THR D 174 22.52 -5.39 -15.59
CA THR D 174 21.34 -5.47 -16.38
C THR D 174 20.94 -4.09 -16.87
N SER D 175 20.27 -4.07 -18.01
CA SER D 175 19.83 -2.82 -18.64
C SER D 175 18.33 -2.74 -18.78
N VAL D 176 17.70 -1.99 -17.90
CA VAL D 176 16.27 -1.73 -18.01
C VAL D 176 16.07 -0.21 -18.20
N PRO D 177 16.21 0.26 -19.45
CA PRO D 177 16.35 1.68 -19.65
C PRO D 177 15.06 2.45 -19.48
N SER D 178 13.93 1.74 -19.47
CA SER D 178 12.66 2.36 -19.10
C SER D 178 12.57 2.77 -17.62
N ASP D 179 13.37 2.18 -16.74
CA ASP D 179 13.28 2.50 -15.28
C ASP D 179 14.59 2.72 -14.58
N SER D 180 15.72 2.64 -15.27
CA SER D 180 17.01 2.91 -14.65
C SER D 180 17.60 4.11 -15.37
N PRO D 181 17.73 5.24 -14.70
CA PRO D 181 18.38 6.41 -15.30
C PRO D 181 19.73 6.13 -15.90
N ASP D 182 20.53 5.29 -15.24
CA ASP D 182 21.81 4.82 -15.80
C ASP D 182 21.66 4.13 -17.15
N ASP D 183 20.76 3.16 -17.19
CA ASP D 183 20.54 2.41 -18.41
C ASP D 183 20.09 3.29 -19.59
N TYR D 184 19.24 4.27 -19.30
CA TYR D 184 18.76 5.20 -20.30
C TYR D 184 19.93 6.00 -20.85
N ALA D 185 20.67 6.65 -19.98
CA ALA D 185 21.84 7.46 -20.37
C ALA D 185 22.82 6.69 -21.26
N ALA D 186 23.14 5.48 -20.84
CA ALA D 186 24.09 4.67 -21.59
C ALA D 186 23.52 4.23 -22.93
N LEU D 187 22.26 3.86 -22.96
CA LEU D 187 21.63 3.43 -24.19
C LEU D 187 21.54 4.63 -25.13
N ARG D 188 21.10 5.78 -24.60
CA ARG D 188 21.09 7.01 -25.38
C ARG D 188 22.44 7.25 -26.04
N ASP D 189 23.50 7.23 -25.24
CA ASP D 189 24.80 7.60 -25.75
C ASP D 189 25.16 6.69 -26.91
N ILE D 190 24.76 5.42 -26.84
CA ILE D 190 24.96 4.51 -27.98
C ILE D 190 24.11 4.95 -29.20
N LYS D 191 22.87 5.37 -28.99
CA LYS D 191 22.00 5.74 -30.12
C LYS D 191 22.40 7.06 -30.74
N THR D 192 23.33 7.81 -30.14
CA THR D 192 23.63 9.18 -30.57
C THR D 192 25.12 9.46 -30.82
N LYS D 193 26.00 8.49 -30.55
CA LYS D 193 27.44 8.69 -30.73
C LYS D 193 27.87 7.64 -31.72
N PRO D 194 27.82 7.96 -33.01
CA PRO D 194 28.18 6.93 -33.99
C PRO D 194 29.63 6.45 -33.94
N LEU D 195 30.54 7.21 -33.38
CA LEU D 195 31.90 6.74 -33.22
C LEU D 195 31.94 5.59 -32.22
N LEU D 196 31.11 5.69 -31.19
CA LEU D 196 30.94 4.60 -30.23
C LEU D 196 30.51 3.28 -30.86
N ARG D 197 29.55 3.37 -31.78
CA ARG D 197 29.03 2.21 -32.49
C ARG D 197 30.11 1.62 -33.41
N GLU D 198 30.78 2.46 -34.17
CA GLU D 198 31.95 2.05 -34.95
C GLU D 198 33.09 1.35 -34.16
N LYS D 199 33.48 1.92 -33.05
CA LYS D 199 34.59 1.38 -32.27
C LYS D 199 34.40 -0.08 -31.85
N TYR D 200 33.21 -0.36 -31.34
CA TYR D 200 32.82 -1.67 -30.83
C TYR D 200 31.96 -2.48 -31.80
N SER D 201 31.88 -2.04 -33.07
CA SER D 201 31.15 -2.71 -34.14
C SER D 201 29.75 -3.13 -33.76
N ILE D 202 29.02 -2.14 -33.26
CA ILE D 202 27.70 -2.38 -32.69
C ILE D 202 26.68 -2.42 -33.83
N LYS D 203 26.00 -3.55 -33.97
CA LYS D 203 24.90 -3.72 -34.92
C LYS D 203 23.63 -3.04 -34.45
N ASP D 204 22.76 -2.68 -35.38
CA ASP D 204 21.52 -2.05 -34.99
C ASP D 204 20.56 -3.01 -34.31
N GLU D 205 20.57 -4.28 -34.70
CA GLU D 205 19.67 -5.25 -34.03
C GLU D 205 20.06 -5.59 -32.58
N TRP D 206 21.24 -5.10 -32.09
CA TRP D 206 21.58 -5.18 -30.68
C TRP D 206 20.97 -4.06 -29.83
N ILE D 207 20.45 -3.04 -30.50
CA ILE D 207 19.93 -1.85 -29.82
C ILE D 207 18.42 -1.90 -29.89
N LEU D 208 17.80 -2.27 -28.79
CA LEU D 208 16.41 -2.61 -28.71
C LEU D 208 15.69 -1.59 -27.83
N ASP D 209 14.34 -1.48 -27.95
CA ASP D 209 13.65 -0.25 -27.49
C ASP D 209 13.25 -0.47 -26.09
N PRO D 210 13.22 0.59 -25.27
CA PRO D 210 12.74 0.35 -23.92
C PRO D 210 11.32 -0.18 -23.92
N LEU D 211 11.00 -0.94 -22.89
CA LEU D 211 9.71 -1.55 -22.70
C LEU D 211 8.92 -0.98 -21.48
N GLU D 212 7.63 -0.72 -21.70
CA GLU D 212 6.81 -0.26 -20.66
C GLU D 212 6.53 -1.41 -19.78
N ILE D 213 6.79 -1.27 -18.49
CA ILE D 213 6.57 -2.31 -17.48
C ILE D 213 6.10 -1.77 -16.16
N ILE D 214 6.51 -0.54 -15.82
CA ILE D 214 6.07 0.09 -14.60
C ILE D 214 5.38 1.45 -14.92
N GLU D 215 4.14 1.57 -14.45
CA GLU D 215 3.35 2.78 -14.46
C GLU D 215 3.50 3.50 -13.13
N VAL D 216 4.13 4.67 -13.16
CA VAL D 216 4.21 5.55 -11.97
C VAL D 216 3.26 6.69 -12.20
N PRO D 217 2.27 6.88 -11.31
CA PRO D 217 1.36 8.02 -11.27
C PRO D 217 2.02 9.40 -11.46
N GLY D 218 1.66 10.08 -12.56
CA GLY D 218 2.21 11.40 -12.91
C GLY D 218 3.53 11.38 -13.65
N PHE D 219 4.07 10.19 -13.91
CA PHE D 219 5.24 10.06 -14.74
C PHE D 219 4.93 9.21 -16.00
N GLY D 220 3.98 8.31 -15.95
CA GLY D 220 3.76 7.37 -17.05
C GLY D 220 4.73 6.20 -16.97
N PHE D 221 5.13 5.68 -18.14
CA PHE D 221 5.81 4.41 -18.23
C PHE D 221 7.28 4.55 -18.48
N MET D 222 7.80 5.74 -18.62
CA MET D 222 9.18 5.91 -19.04
C MET D 222 9.87 6.93 -18.14
N THR D 223 9.78 6.60 -16.86
CA THR D 223 10.20 7.44 -15.78
C THR D 223 11.69 7.73 -15.76
N ALA D 224 12.51 6.91 -16.39
CA ALA D 224 13.96 7.14 -16.43
C ALA D 224 14.31 8.27 -17.44
N GLU D 225 13.71 8.26 -18.63
CA GLU D 225 13.84 9.41 -19.49
C GLU D 225 13.43 10.69 -18.73
N LEU D 226 12.23 10.67 -18.17
CA LEU D 226 11.73 11.84 -17.44
C LEU D 226 12.70 12.24 -16.35
N LEU D 227 13.25 11.28 -15.64
CA LEU D 227 14.17 11.65 -14.59
C LEU D 227 15.54 12.20 -15.11
N CYS D 228 15.96 11.72 -16.27
CA CYS D 228 17.17 12.24 -16.93
C CYS D 228 17.02 13.69 -17.39
N ASN D 229 15.82 14.06 -17.84
CA ASN D 229 15.57 15.44 -18.26
C ASN D 229 15.51 16.41 -17.04
N GLN D 230 14.64 16.10 -16.08
CA GLN D 230 14.56 16.80 -14.79
C GLN D 230 15.91 17.01 -14.06
N TYR D 231 16.81 16.04 -14.04
CA TYR D 231 18.16 16.27 -13.47
C TYR D 231 19.19 16.78 -14.50
N LYS D 232 18.73 17.09 -15.71
CA LYS D 232 19.56 17.57 -16.80
C LYS D 232 20.81 16.72 -16.94
N ILE D 233 20.59 15.40 -17.04
CA ILE D 233 21.63 14.42 -17.30
C ILE D 233 21.86 14.36 -18.80
N GLN D 234 23.10 14.50 -19.22
CA GLN D 234 23.45 14.56 -20.63
C GLN D 234 24.24 13.37 -21.14
N SER D 235 25.01 12.71 -20.27
CA SER D 235 25.71 11.47 -20.61
C SER D 235 25.73 10.51 -19.44
N GLN D 236 26.05 9.27 -19.73
CA GLN D 236 26.18 8.21 -18.71
C GLN D 236 27.22 8.46 -17.65
N ASN D 237 28.13 9.42 -17.91
CA ASN D 237 29.23 9.79 -17.00
C ASN D 237 28.92 10.87 -15.96
N ASP D 238 27.71 11.44 -15.98
CA ASP D 238 27.33 12.44 -14.97
C ASP D 238 26.94 11.71 -13.66
N SER D 239 27.92 11.14 -12.97
CA SER D 239 27.61 10.14 -11.94
C SER D 239 26.92 10.79 -10.76
N ALA D 240 27.37 12.00 -10.45
CA ALA D 240 26.75 12.89 -9.46
C ALA D 240 25.20 13.04 -9.59
N LYS D 241 24.74 13.45 -10.77
CA LYS D 241 23.31 13.64 -11.00
C LYS D 241 22.59 12.28 -11.06
N LEU D 242 23.22 11.30 -11.74
CA LEU D 242 22.66 9.95 -11.87
C LEU D 242 22.38 9.22 -10.56
N LYS D 243 23.18 9.49 -9.52
CA LYS D 243 22.88 8.98 -8.20
C LYS D 243 21.61 9.61 -7.64
N GLN D 244 21.49 10.93 -7.69
CA GLN D 244 20.28 11.60 -7.16
C GLN D 244 19.03 11.02 -7.82
N ALA D 245 19.15 10.77 -9.14
CA ALA D 245 18.08 10.19 -9.94
C ALA D 245 17.77 8.77 -9.47
N LYS D 246 18.75 7.87 -9.59
CA LYS D 246 18.59 6.46 -9.23
C LYS D 246 17.95 6.29 -7.85
N GLU D 247 18.27 7.22 -6.94
CA GLU D 247 17.65 7.30 -5.63
C GLU D 247 16.18 7.62 -5.69
N GLU D 248 15.81 8.72 -6.35
CA GLU D 248 14.39 9.13 -6.36
C GLU D 248 13.47 8.02 -6.95
N ILE D 249 13.87 7.49 -8.12
CA ILE D 249 13.12 6.42 -8.79
C ILE D 249 12.96 5.12 -7.93
N TYR D 250 13.92 4.86 -7.04
CA TYR D 250 13.73 3.84 -6.00
C TYR D 250 12.50 4.07 -5.08
N LYS D 251 12.50 5.13 -4.28
CA LYS D 251 11.38 5.36 -3.33
C LYS D 251 10.13 5.84 -4.05
N LYS D 252 10.33 6.41 -5.26
CA LYS D 252 9.24 6.78 -6.18
C LYS D 252 8.46 5.52 -6.57
N GLU D 253 9.16 4.60 -7.24
CA GLU D 253 8.52 3.41 -7.76
C GLU D 253 8.13 2.38 -6.68
N PHE D 254 8.71 2.42 -5.49
CA PHE D 254 8.55 1.29 -4.56
C PHE D 254 7.13 1.21 -3.97
N TYR D 255 6.61 2.31 -3.46
CA TYR D 255 5.23 2.30 -2.94
C TYR D 255 4.18 2.67 -3.99
N GLU D 256 4.59 3.34 -5.06
CA GLU D 256 3.63 3.95 -5.98
C GLU D 256 3.60 3.34 -7.37
N GLY D 257 4.66 2.64 -7.77
CA GLY D 257 4.75 2.06 -9.08
C GLY D 257 3.90 0.82 -9.23
N ILE D 258 3.16 0.70 -10.35
CA ILE D 258 2.29 -0.46 -10.59
C ILE D 258 2.90 -1.23 -11.76
N LEU D 259 3.06 -2.53 -11.55
CA LEU D 259 3.57 -3.39 -12.59
C LEU D 259 2.47 -3.53 -13.59
N ILE D 260 2.86 -3.46 -14.85
CA ILE D 260 1.93 -3.67 -15.92
C ILE D 260 2.37 -4.82 -16.78
N ARG D 261 3.35 -5.61 -16.32
CA ARG D 261 3.72 -6.80 -17.08
C ARG D 261 4.00 -7.92 -16.13
N GLY D 262 3.87 -9.14 -16.63
CA GLY D 262 4.12 -10.33 -15.88
C GLY D 262 2.85 -10.74 -15.16
N LYS D 263 2.96 -11.75 -14.32
CA LYS D 263 1.82 -12.29 -13.59
C LYS D 263 1.42 -11.40 -12.43
N TYR D 264 2.23 -10.39 -12.09
CA TYR D 264 1.82 -9.56 -10.96
C TYR D 264 1.35 -8.21 -11.44
N SER D 265 0.91 -8.14 -12.69
CA SER D 265 0.49 -6.86 -13.27
C SER D 265 -0.70 -6.43 -12.47
N GLY D 266 -0.71 -5.16 -12.11
CA GLY D 266 -1.79 -4.59 -11.30
C GLY D 266 -1.35 -4.26 -9.90
N MET D 267 -0.36 -5.02 -9.40
CA MET D 267 0.12 -4.92 -8.04
C MET D 267 1.12 -3.81 -7.91
N LYS D 268 1.16 -3.20 -6.74
CA LYS D 268 2.22 -2.27 -6.43
C LYS D 268 3.56 -3.03 -6.36
N ILE D 269 4.64 -2.35 -6.70
CA ILE D 269 5.93 -2.95 -6.60
C ILE D 269 6.15 -3.49 -5.18
N CYS D 270 5.92 -2.69 -4.14
CA CYS D 270 6.20 -3.15 -2.79
C CYS D 270 5.48 -4.43 -2.39
N ASP D 271 4.29 -4.66 -2.93
CA ASP D 271 3.59 -5.91 -2.65
C ASP D 271 4.05 -7.07 -3.52
N ALA D 272 4.74 -6.82 -4.62
CA ALA D 272 5.09 -7.89 -5.56
C ALA D 272 6.57 -8.29 -5.63
N LYS D 273 7.45 -7.36 -5.30
CA LYS D 273 8.88 -7.56 -5.37
C LYS D 273 9.32 -8.92 -4.80
N GLU D 274 8.97 -9.22 -3.55
CA GLU D 274 9.38 -10.49 -2.93
C GLU D 274 8.96 -11.78 -3.67
N LEU D 275 7.68 -11.86 -4.07
CA LEU D 275 7.15 -12.99 -4.85
C LEU D 275 7.90 -13.17 -6.16
N ILE D 276 8.32 -12.05 -6.75
CA ILE D 276 9.09 -12.08 -8.01
C ILE D 276 10.48 -12.65 -7.77
N ARG D 277 11.20 -12.08 -6.81
CA ARG D 277 12.51 -12.60 -6.40
C ARG D 277 12.46 -14.09 -6.04
N GLU D 278 11.47 -14.46 -5.23
CA GLU D 278 11.29 -15.85 -4.83
C GLU D 278 11.09 -16.67 -6.05
N SER D 279 10.22 -16.25 -6.94
CA SER D 279 9.98 -17.01 -8.18
C SER D 279 11.25 -17.30 -9.07
N LEU D 280 12.09 -16.28 -9.24
CA LEU D 280 13.30 -16.35 -10.03
C LEU D 280 14.25 -17.35 -9.44
N ILE D 281 14.39 -17.27 -8.12
CA ILE D 281 15.17 -18.22 -7.39
C ILE D 281 14.64 -19.66 -7.52
N LYS D 282 13.35 -19.85 -7.28
CA LYS D 282 12.77 -21.16 -7.35
C LYS D 282 12.95 -21.71 -8.71
N ASP D 283 12.86 -20.89 -9.76
CA ASP D 283 12.91 -21.39 -11.12
C ASP D 283 14.32 -21.48 -11.67
N GLY D 284 15.35 -21.07 -10.92
CA GLY D 284 16.73 -21.14 -11.43
C GLY D 284 17.27 -19.91 -12.19
N TYR D 285 16.44 -18.92 -12.40
CA TYR D 285 16.87 -17.74 -13.10
C TYR D 285 17.71 -16.81 -12.23
N ALA D 286 17.72 -17.03 -10.91
CA ALA D 286 18.55 -16.22 -10.02
C ALA D 286 19.04 -16.90 -8.68
N LEU D 287 20.08 -16.29 -8.12
CA LEU D 287 20.61 -16.69 -6.86
C LEU D 287 20.51 -15.56 -5.91
N ILE D 288 20.50 -15.83 -4.61
CA ILE D 288 20.81 -14.78 -3.62
C ILE D 288 22.36 -14.57 -3.55
N TYR D 289 22.83 -13.32 -3.37
CA TYR D 289 24.25 -12.96 -3.41
C TYR D 289 24.50 -11.85 -2.43
N LEU D 290 25.29 -12.16 -1.39
CA LEU D 290 25.59 -11.26 -0.26
C LEU D 290 26.84 -10.47 -0.57
N GLU D 291 26.78 -9.16 -0.44
CA GLU D 291 27.96 -8.32 -0.67
C GLU D 291 27.89 -7.06 0.21
#